data_9CB5
#
_entry.id   9CB5
#
_cell.length_a   75.253
_cell.length_b   134.660
_cell.length_c   185.259
_cell.angle_alpha   90.00
_cell.angle_beta   90.00
_cell.angle_gamma   90.00
#
_symmetry.space_group_name_H-M   'P 21 21 21'
#
loop_
_entity.id
_entity.type
_entity.pdbx_description
1 polymer Nucleolin
2 polymer 'MYC promoter G-quadruplex'
3 polymer 'Fab heavy chain'
4 polymer 'Fab light chain'
5 non-polymer 'POTASSIUM ION'
6 water water
#
loop_
_entity_poly.entity_id
_entity_poly.type
_entity_poly.pdbx_seq_one_letter_code
_entity_poly.pdbx_strand_id
1 'polypeptide(L)'
;GGGGHMFNLFVGNLNFNKSAPELKTGISDVFAKNDLAVVDVRIGMTRKFGYVDFESAEDLEKALELTGLKVFGNEIKLEK
PKGKDSKKERDARTLLAKNLPYKVTQDELKEVFEDAAEIRLVSKDGKSKGIAYIEFKTEADAEKTFEEKQGTEIDGRSIS
LYYTGEKGQNQDYRGGKNSTWSGESKTLVLSNLSYSATEETLQEVFEKATFIKVPQNQNGKSKGYAFIEFASFEDAKEAL
NSSNKREIEGRAIRLELQGPRGSPNARSQPSKTLFVKGLSEDTTEETLKESFDGSVRARIVTDRETGSSKGFGFVDFNSE
EDAKAAKEAMEDGEIDGNKVTLDWAKP
;
A,B
2 'polydeoxyribonucleotide'
;(DA)(DT)(DC)(DG)(DC)(DT)(DA)(DG)(DG)(DG)(DA)(DG)(DG)(DG)(DT)(DT)(DT)(DT)(DT)(DA)
(DG)(DG)(DG)(DT)(DG)(DG)(DG)(DT)
;
C,F
3 'polypeptide(L)'
;EISEVQLVESGGGLVQPGGSLRLSCAASGFNIYYYSIHWVRQAPGKGLEWVASISPSYGYTSYADSVKGRFTISADTSKN
TAYLQMNSLRAEDTAVYYCARWSRWAYSYWSYKSYGMDYWGQGTLVTVSSASTKGPSVFPLAPSSKSTSGGTAALGCLVK
DYFPEPVTVSWNSGALTSGVHTFPAVLQSSGLYSLSSVVTVPSSSLGTQTYICNVNHKPSNTKVDKKVEPKSCDKTHTSR
HHHHHH
;
D,G
4 'polypeptide(L)'
;SDIQMTQSPSSLSASVGDRVTITCRASQSVSSAVAWYQQKPGKAPKLLIYSASSLYSGVPSRFSGSRSGTDFTLTISSLQ
PEDFATYYCQQSGGGPITFGQGTKVEIKRTVAAPSVFIFPPSDSQLKSGTASVVCLLNNFYPREAKVQWKVDNALQSGNS
QESVTEQDSKDSTYSLSSTLTLSKADYEKHKVYACEVTHQGLSSPVTKSFNRGEC
;
H,I
#
loop_
_chem_comp.id
_chem_comp.type
_chem_comp.name
_chem_comp.formula
DA DNA linking 2'-DEOXYADENOSINE-5'-MONOPHOSPHATE 'C10 H14 N5 O6 P'
DC DNA linking 2'-DEOXYCYTIDINE-5'-MONOPHOSPHATE 'C9 H14 N3 O7 P'
DG DNA linking 2'-DEOXYGUANOSINE-5'-MONOPHOSPHATE 'C10 H14 N5 O7 P'
DT DNA linking THYMIDINE-5'-MONOPHOSPHATE 'C10 H15 N2 O8 P'
K non-polymer 'POTASSIUM ION' 'K 1'
#
# COMPACT_ATOMS: atom_id res chain seq x y z
N GLY A 2 20.66 36.39 -14.11
CA GLY A 2 21.82 37.19 -13.76
C GLY A 2 22.85 36.43 -12.94
N GLY A 3 22.63 35.14 -12.78
CA GLY A 3 23.54 34.31 -12.03
C GLY A 3 23.39 34.42 -10.52
N GLY A 4 22.36 35.09 -10.02
CA GLY A 4 22.16 35.25 -8.60
C GLY A 4 22.85 36.49 -8.05
N HIS A 5 22.57 36.77 -6.78
N HIS A 5 22.57 36.76 -6.78
CA HIS A 5 23.17 37.91 -6.09
CA HIS A 5 23.10 37.92 -6.07
C HIS A 5 23.96 37.54 -4.85
C HIS A 5 23.92 37.56 -4.84
N MET A 6 23.66 36.42 -4.22
CA MET A 6 24.40 36.02 -3.03
C MET A 6 25.81 35.57 -3.41
N PHE A 7 26.80 36.07 -2.69
CA PHE A 7 28.18 35.69 -2.96
C PHE A 7 28.41 34.23 -2.65
N ASN A 8 29.11 33.53 -3.55
CA ASN A 8 29.32 32.10 -3.38
C ASN A 8 30.66 31.71 -3.99
N LEU A 9 31.17 30.57 -3.55
CA LEU A 9 32.48 30.08 -3.95
C LEU A 9 32.38 28.62 -4.37
N PHE A 10 33.17 28.26 -5.39
CA PHE A 10 33.25 26.87 -5.82
C PHE A 10 34.22 26.11 -4.92
N VAL A 11 33.77 24.96 -4.41
CA VAL A 11 34.61 24.09 -3.61
C VAL A 11 34.80 22.78 -4.38
N GLY A 12 36.07 22.39 -4.57
CA GLY A 12 36.40 21.24 -5.38
C GLY A 12 37.14 20.18 -4.58
N ASN A 13 37.37 19.03 -5.22
CA ASN A 13 38.08 17.90 -4.64
C ASN A 13 37.39 17.42 -3.36
N LEU A 14 36.12 17.07 -3.51
CA LEU A 14 35.34 16.52 -2.42
C LEU A 14 35.41 14.99 -2.44
N ASN A 15 35.26 14.39 -1.26
CA ASN A 15 35.23 12.93 -1.13
C ASN A 15 33.86 12.47 -1.61
N PHE A 16 33.77 12.10 -2.89
CA PHE A 16 32.52 11.72 -3.51
C PHE A 16 31.92 10.45 -2.93
N ASN A 17 32.69 9.68 -2.16
CA ASN A 17 32.14 8.50 -1.51
C ASN A 17 31.14 8.85 -0.42
N LYS A 18 31.21 10.06 0.12
CA LYS A 18 30.28 10.50 1.14
C LYS A 18 29.04 11.12 0.50
N SER A 19 27.91 10.97 1.19
CA SER A 19 26.65 11.49 0.65
C SER A 19 26.64 13.01 0.69
N ALA A 20 25.71 13.59 -0.07
CA ALA A 20 25.57 15.04 -0.09
C ALA A 20 25.25 15.63 1.28
N PRO A 21 24.32 15.07 2.07
CA PRO A 21 24.12 15.62 3.43
C PRO A 21 25.37 15.56 4.29
N GLU A 22 26.17 14.49 4.16
CA GLU A 22 27.41 14.41 4.92
C GLU A 22 28.39 15.50 4.48
N LEU A 23 28.51 15.73 3.17
CA LEU A 23 29.41 16.76 2.67
C LEU A 23 28.96 18.16 3.10
N LYS A 24 27.65 18.39 3.18
CA LYS A 24 27.16 19.67 3.66
C LYS A 24 27.59 19.92 5.11
N THR A 25 27.50 18.89 5.94
CA THR A 25 27.94 19.03 7.33
C THR A 25 29.45 19.21 7.41
N GLY A 26 30.20 18.40 6.66
CA GLY A 26 31.66 18.45 6.75
C GLY A 26 32.22 19.79 6.30
N ILE A 27 31.69 20.33 5.20
CA ILE A 27 32.18 21.62 4.71
C ILE A 27 31.81 22.74 5.69
N SER A 28 30.62 22.68 6.27
CA SER A 28 30.21 23.69 7.23
C SER A 28 31.09 23.67 8.48
N ASP A 29 31.45 22.47 8.94
CA ASP A 29 32.21 22.34 10.19
C ASP A 29 33.60 22.95 10.08
N VAL A 30 34.29 22.71 8.96
CA VAL A 30 35.66 23.23 8.83
C VAL A 30 35.65 24.75 8.75
N PHE A 31 34.66 25.32 8.09
CA PHE A 31 34.49 26.77 8.13
C PHE A 31 34.12 27.25 9.52
N ALA A 32 33.24 26.51 10.20
CA ALA A 32 32.89 26.86 11.57
C ALA A 32 34.09 26.73 12.50
N LYS A 33 34.90 25.68 12.31
CA LYS A 33 36.11 25.53 13.10
C LYS A 33 37.09 26.67 12.84
N ASN A 34 37.11 27.21 11.63
CA ASN A 34 37.91 28.38 11.30
C ASN A 34 37.17 29.68 11.54
N ASP A 35 36.10 29.65 12.34
CA ASP A 35 35.32 30.83 12.69
C ASP A 35 34.79 31.54 11.45
N LEU A 36 33.96 30.83 10.70
CA LEU A 36 33.33 31.38 9.51
C LEU A 36 31.97 30.74 9.34
N ALA A 37 30.92 31.56 9.28
CA ALA A 37 29.55 31.08 9.24
C ALA A 37 29.02 31.21 7.81
N VAL A 38 29.09 30.12 7.06
CA VAL A 38 28.46 30.06 5.74
C VAL A 38 26.94 29.94 5.90
N VAL A 39 26.21 30.17 4.80
CA VAL A 39 24.77 30.12 4.86
C VAL A 39 24.19 28.87 4.19
N ASP A 40 24.91 28.28 3.23
CA ASP A 40 24.49 27.05 2.55
C ASP A 40 25.72 26.46 1.86
N VAL A 41 25.59 25.18 1.47
CA VAL A 41 26.69 24.37 0.98
C VAL A 41 26.46 23.88 -0.45
N ARG A 42 25.26 23.32 -0.72
CA ARG A 42 24.80 23.05 -2.08
C ARG A 42 25.75 22.12 -2.85
N ILE A 43 25.81 20.87 -2.40
CA ILE A 43 26.63 19.86 -3.06
C ILE A 43 26.14 19.64 -4.49
N GLY A 44 27.08 19.44 -5.41
CA GLY A 44 26.78 19.15 -6.79
C GLY A 44 26.41 17.70 -7.03
N MET A 45 26.09 17.39 -8.29
CA MET A 45 25.52 16.09 -8.63
C MET A 45 26.52 14.95 -8.42
N THR A 46 27.72 15.07 -8.99
CA THR A 46 28.72 14.02 -8.86
C THR A 46 29.32 13.94 -7.47
N ARG A 47 29.02 14.92 -6.61
CA ARG A 47 29.55 15.04 -5.24
C ARG A 47 31.05 15.24 -5.21
N LYS A 48 31.69 15.49 -6.35
CA LYS A 48 33.10 15.88 -6.37
C LYS A 48 33.29 17.37 -6.14
N PHE A 49 32.22 18.16 -6.15
CA PHE A 49 32.34 19.61 -6.07
C PHE A 49 31.07 20.20 -5.48
N GLY A 50 31.12 21.49 -5.20
CA GLY A 50 29.97 22.18 -4.64
C GLY A 50 30.14 23.69 -4.74
N TYR A 51 29.22 24.41 -4.09
CA TYR A 51 29.21 25.87 -4.13
C TYR A 51 28.79 26.41 -2.76
N VAL A 52 29.75 26.98 -2.03
CA VAL A 52 29.52 27.47 -0.68
C VAL A 52 29.01 28.89 -0.74
N ASP A 53 27.92 29.17 -0.02
CA ASP A 53 27.32 30.49 0.03
C ASP A 53 27.80 31.27 1.24
N PHE A 54 27.97 32.58 1.06
CA PHE A 54 28.42 33.46 2.13
C PHE A 54 27.47 34.65 2.26
N GLU A 55 27.36 35.16 3.48
CA GLU A 55 26.44 36.25 3.77
C GLU A 55 26.91 37.58 3.21
N SER A 56 28.22 37.74 2.98
CA SER A 56 28.75 38.99 2.48
C SER A 56 30.03 38.71 1.70
N ALA A 57 30.42 39.70 0.89
CA ALA A 57 31.69 39.59 0.16
C ALA A 57 32.88 39.54 1.11
N GLU A 58 32.74 40.13 2.30
CA GLU A 58 33.82 40.10 3.28
C GLU A 58 34.07 38.69 3.78
N ASP A 59 33.00 37.94 4.10
CA ASP A 59 33.18 36.56 4.54
C ASP A 59 33.75 35.70 3.42
N LEU A 60 33.38 35.98 2.17
CA LEU A 60 33.93 35.25 1.05
C LEU A 60 35.44 35.46 0.93
N GLU A 61 35.88 36.71 0.96
CA GLU A 61 37.30 37.01 0.82
C GLU A 61 38.12 36.39 1.94
N LYS A 62 37.55 36.35 3.15
CA LYS A 62 38.20 35.65 4.24
C LYS A 62 38.32 34.15 3.93
N ALA A 63 37.27 33.57 3.36
CA ALA A 63 37.28 32.13 3.07
C ALA A 63 38.35 31.77 2.06
N LEU A 64 38.52 32.59 1.02
CA LEU A 64 39.49 32.28 -0.02
C LEU A 64 40.92 32.26 0.49
N GLU A 65 41.20 32.95 1.59
CA GLU A 65 42.56 33.01 2.13
C GLU A 65 42.83 31.90 3.13
N LEU A 66 41.87 31.02 3.39
CA LEU A 66 42.13 29.84 4.19
C LEU A 66 43.00 28.86 3.40
N THR A 67 43.75 28.04 4.13
CA THR A 67 44.65 27.07 3.51
C THR A 67 44.58 25.75 4.25
N GLY A 68 44.84 24.67 3.52
CA GLY A 68 44.91 23.35 4.11
C GLY A 68 43.64 22.88 4.78
N LEU A 69 42.49 23.08 4.13
CA LEU A 69 41.22 22.65 4.69
C LEU A 69 40.96 21.20 4.29
N LYS A 70 40.79 20.34 5.29
CA LYS A 70 40.58 18.91 5.06
C LYS A 70 39.17 18.53 5.48
N VAL A 71 38.45 17.88 4.57
CA VAL A 71 37.12 17.34 4.83
C VAL A 71 37.11 15.88 4.41
N PHE A 72 36.89 14.98 5.37
CA PHE A 72 36.82 13.54 5.13
C PHE A 72 38.08 13.01 4.45
N GLY A 73 39.23 13.58 4.79
CA GLY A 73 40.51 13.15 4.27
C GLY A 73 40.99 13.88 3.03
N ASN A 74 40.09 14.56 2.32
CA ASN A 74 40.46 15.30 1.13
C ASN A 74 40.75 16.76 1.47
N GLU A 75 41.77 17.32 0.83
CA GLU A 75 42.06 18.74 0.95
C GLU A 75 41.22 19.47 -0.09
N ILE A 76 40.14 20.12 0.36
CA ILE A 76 39.27 20.85 -0.55
C ILE A 76 39.97 22.11 -1.04
N LYS A 77 39.57 22.58 -2.21
CA LYS A 77 40.12 23.79 -2.81
C LYS A 77 38.99 24.77 -3.09
N LEU A 78 39.16 26.00 -2.62
CA LEU A 78 38.17 27.06 -2.83
C LEU A 78 38.58 27.87 -4.06
N GLU A 79 37.68 27.95 -5.03
CA GLU A 79 37.93 28.68 -6.27
C GLU A 79 36.86 29.74 -6.45
N LYS A 80 37.29 30.95 -6.79
CA LYS A 80 36.38 31.92 -7.34
C LYS A 80 35.98 31.44 -8.71
N PRO A 81 34.70 31.19 -8.99
CA PRO A 81 34.32 30.68 -10.31
C PRO A 81 34.77 31.65 -11.40
N LYS A 82 35.28 31.09 -12.49
CA LYS A 82 35.94 31.93 -13.49
C LYS A 82 34.91 32.62 -14.37
N GLY A 83 33.91 33.25 -13.75
CA GLY A 83 33.04 34.15 -14.47
C GLY A 83 33.62 35.53 -14.66
N LYS A 84 34.59 35.91 -13.83
CA LYS A 84 35.32 37.14 -14.06
C LYS A 84 36.16 37.06 -15.32
N ASP A 85 36.82 35.91 -15.52
CA ASP A 85 37.48 35.63 -16.79
C ASP A 85 36.49 35.54 -17.94
N SER A 86 35.23 35.25 -17.63
CA SER A 86 34.15 35.17 -18.61
C SER A 86 33.66 36.57 -18.98
N LYS A 87 32.49 36.63 -19.61
CA LYS A 87 31.92 37.87 -20.12
C LYS A 87 31.65 38.91 -19.05
N LYS A 88 32.00 38.69 -17.79
CA LYS A 88 31.93 39.78 -16.82
C LYS A 88 32.88 40.91 -17.21
N GLU A 89 34.11 40.56 -17.58
CA GLU A 89 35.01 41.56 -18.16
C GLU A 89 34.69 41.80 -19.63
N ARG A 90 34.22 40.78 -20.33
CA ARG A 90 33.95 40.86 -21.76
C ARG A 90 32.51 41.32 -21.99
N ASP A 91 32.04 41.17 -23.23
CA ASP A 91 30.71 41.57 -23.70
C ASP A 91 30.63 43.09 -23.81
N ALA A 92 31.66 43.77 -23.32
CA ALA A 92 32.03 45.06 -23.87
C ALA A 92 32.82 44.89 -25.16
N ARG A 93 33.29 43.67 -25.41
CA ARG A 93 33.98 43.27 -26.64
C ARG A 93 33.36 41.99 -27.19
N THR A 94 32.02 41.98 -27.21
CA THR A 94 31.26 40.87 -27.80
C THR A 94 29.90 41.41 -28.21
N LEU A 95 29.59 41.33 -29.49
CA LEU A 95 28.35 41.86 -30.03
C LEU A 95 27.42 40.73 -30.46
N LEU A 96 26.15 41.08 -30.63
CA LEU A 96 25.15 40.15 -31.11
C LEU A 96 24.45 40.74 -32.32
N ALA A 97 24.26 39.92 -33.35
CA ALA A 97 23.54 40.32 -34.55
C ALA A 97 22.54 39.24 -34.93
N LYS A 98 21.76 38.81 -33.94
CA LYS A 98 20.78 37.75 -34.12
C LYS A 98 19.99 37.97 -35.40
N ASN A 99 20.18 37.07 -36.36
CA ASN A 99 19.66 37.29 -37.71
C ASN A 99 18.16 37.53 -37.66
N LEU A 100 17.72 38.57 -38.36
CA LEU A 100 16.32 38.98 -38.26
C LEU A 100 15.62 38.63 -39.56
N PRO A 101 15.46 37.34 -39.86
CA PRO A 101 14.80 36.93 -41.10
C PRO A 101 14.49 35.44 -41.09
N TYR A 102 15.43 34.64 -41.57
CA TYR A 102 15.30 33.19 -41.60
C TYR A 102 16.70 32.60 -41.76
N LYS A 103 16.76 31.31 -42.08
CA LYS A 103 18.04 30.64 -42.27
C LYS A 103 18.82 31.26 -43.41
N VAL A 104 20.14 31.36 -43.23
CA VAL A 104 21.04 31.94 -44.21
C VAL A 104 22.27 31.04 -44.32
N THR A 105 23.23 31.46 -45.14
CA THR A 105 24.45 30.70 -45.36
C THR A 105 25.58 31.24 -44.49
N GLN A 106 26.45 30.34 -44.04
CA GLN A 106 27.60 30.75 -43.24
C GLN A 106 28.62 31.50 -44.08
N ASP A 107 29.02 30.92 -45.21
CA ASP A 107 29.94 31.57 -46.14
C ASP A 107 29.13 32.37 -47.16
N GLU A 108 28.46 33.41 -46.66
CA GLU A 108 27.57 34.24 -47.45
C GLU A 108 28.17 35.61 -47.74
N LEU A 109 29.50 35.69 -47.87
CA LEU A 109 30.21 36.93 -48.17
C LEU A 109 29.88 38.02 -47.15
N LYS A 110 30.06 37.70 -45.87
CA LYS A 110 29.80 38.64 -44.79
C LYS A 110 30.92 39.67 -44.75
N GLU A 111 30.81 40.65 -45.63
CA GLU A 111 31.81 41.72 -45.75
C GLU A 111 31.47 42.94 -44.89
N VAL A 112 30.39 42.88 -44.11
CA VAL A 112 30.00 44.02 -43.26
C VAL A 112 30.84 44.13 -42.01
N PHE A 113 31.74 43.18 -41.75
CA PHE A 113 32.57 43.19 -40.55
C PHE A 113 34.01 42.93 -40.96
N GLU A 114 34.86 43.94 -40.81
CA GLU A 114 36.27 43.78 -41.15
C GLU A 114 37.03 43.00 -40.07
N ASP A 115 36.86 43.40 -38.82
CA ASP A 115 37.60 42.80 -37.70
C ASP A 115 36.62 42.15 -36.74
N ALA A 116 36.60 40.82 -36.74
CA ALA A 116 35.82 39.99 -35.84
C ALA A 116 36.28 38.55 -36.01
N ALA A 117 36.23 37.79 -34.90
CA ALA A 117 36.79 36.45 -34.86
C ALA A 117 35.78 35.35 -35.14
N GLU A 118 34.49 35.65 -35.09
CA GLU A 118 33.47 34.63 -35.32
C GLU A 118 32.12 35.28 -35.62
N ILE A 119 31.48 34.82 -36.69
CA ILE A 119 30.13 35.27 -37.03
C ILE A 119 29.24 34.04 -37.25
N ARG A 120 29.59 32.93 -36.61
CA ARG A 120 28.85 31.69 -36.80
C ARG A 120 27.44 31.80 -36.24
N LEU A 121 26.47 31.31 -37.02
CA LEU A 121 25.07 31.34 -36.62
C LEU A 121 24.70 30.08 -35.86
N VAL A 122 23.45 29.99 -35.42
CA VAL A 122 22.93 28.85 -34.69
C VAL A 122 21.85 28.19 -35.53
N SER A 123 21.99 26.89 -35.77
CA SER A 123 21.05 26.13 -36.56
C SER A 123 20.65 24.85 -35.83
N LYS A 124 19.39 24.46 -36.02
CA LYS A 124 18.84 23.26 -35.41
C LYS A 124 18.63 22.19 -36.47
N ASP A 125 18.04 21.07 -36.06
CA ASP A 125 17.77 19.96 -36.97
C ASP A 125 16.67 20.36 -37.94
N GLY A 126 17.03 20.49 -39.22
CA GLY A 126 16.08 20.90 -40.24
C GLY A 126 16.15 22.38 -40.54
N LYS A 127 15.06 23.09 -40.29
CA LYS A 127 15.03 24.54 -40.47
C LYS A 127 15.70 25.22 -39.27
N SER A 128 15.85 26.54 -39.37
CA SER A 128 16.47 27.30 -38.29
C SER A 128 15.94 28.73 -38.32
N LYS A 129 16.05 29.39 -37.18
CA LYS A 129 15.73 30.81 -37.05
C LYS A 129 17.02 31.59 -36.79
N GLY A 130 16.90 32.91 -36.82
CA GLY A 130 18.08 33.75 -36.78
C GLY A 130 18.71 33.95 -35.42
N ILE A 131 19.86 33.30 -35.20
CA ILE A 131 20.70 33.56 -34.04
C ILE A 131 22.16 33.55 -34.49
N ALA A 132 22.75 34.74 -34.65
CA ALA A 132 24.12 34.84 -35.14
C ALA A 132 24.79 36.03 -34.47
N TYR A 133 25.68 35.75 -33.50
CA TYR A 133 26.40 36.79 -32.79
C TYR A 133 27.80 36.92 -33.37
N ILE A 134 28.20 38.16 -33.64
CA ILE A 134 29.52 38.46 -34.20
C ILE A 134 30.45 38.84 -33.06
N GLU A 135 31.62 38.20 -33.01
CA GLU A 135 32.58 38.43 -31.94
C GLU A 135 33.25 39.80 -32.12
N PHE A 136 34.19 40.12 -31.24
CA PHE A 136 34.86 41.41 -31.30
C PHE A 136 36.29 41.29 -30.80
N LYS A 137 37.08 42.31 -31.09
CA LYS A 137 38.46 42.37 -30.63
C LYS A 137 38.83 43.76 -30.12
N THR A 138 37.86 44.49 -29.57
CA THR A 138 38.07 45.84 -29.07
C THR A 138 38.34 45.83 -27.56
N GLU A 139 38.76 46.99 -27.05
CA GLU A 139 39.07 47.13 -25.63
C GLU A 139 38.14 48.11 -24.93
N ALA A 140 38.05 49.35 -25.40
CA ALA A 140 37.20 50.37 -24.78
C ALA A 140 35.81 50.24 -25.38
N ASP A 141 35.00 49.40 -24.76
CA ASP A 141 33.71 48.96 -25.29
C ASP A 141 33.94 48.43 -26.71
N ALA A 142 32.89 48.49 -27.54
CA ALA A 142 33.02 48.19 -28.96
C ALA A 142 32.21 49.15 -29.82
N GLU A 143 31.95 50.37 -29.34
CA GLU A 143 31.02 51.25 -30.03
C GLU A 143 31.46 51.58 -31.46
N LYS A 144 32.71 51.27 -31.84
CA LYS A 144 33.10 51.46 -33.22
C LYS A 144 32.32 50.55 -34.17
N THR A 145 31.71 49.49 -33.64
CA THR A 145 30.87 48.59 -34.43
C THR A 145 29.40 48.60 -34.02
N PHE A 146 29.09 48.97 -32.77
CA PHE A 146 27.70 49.00 -32.33
C PHE A 146 26.90 50.04 -33.10
N GLU A 147 27.49 51.22 -33.34
CA GLU A 147 26.84 52.30 -34.07
C GLU A 147 27.21 52.32 -35.54
N GLU A 148 27.98 51.34 -36.02
CA GLU A 148 28.47 51.35 -37.39
C GLU A 148 27.62 50.50 -38.34
N LYS A 149 26.84 49.54 -37.84
CA LYS A 149 26.02 48.72 -38.73
C LYS A 149 24.74 49.44 -39.10
N GLN A 150 23.87 49.69 -38.11
CA GLN A 150 22.66 50.50 -38.26
C GLN A 150 21.87 50.10 -39.52
N GLY A 151 21.35 48.87 -39.50
CA GLY A 151 20.49 48.42 -40.57
C GLY A 151 21.15 47.94 -41.85
N THR A 152 21.90 46.84 -41.78
CA THR A 152 22.42 46.20 -42.97
C THR A 152 21.28 45.43 -43.66
N GLU A 153 21.61 44.62 -44.67
CA GLU A 153 20.60 43.94 -45.48
C GLU A 153 21.02 42.49 -45.70
N ILE A 154 20.53 41.59 -44.83
CA ILE A 154 20.64 40.16 -45.03
C ILE A 154 19.49 39.71 -45.93
N ASP A 155 19.55 38.46 -46.40
CA ASP A 155 18.50 37.95 -47.28
C ASP A 155 17.16 37.90 -46.57
N GLY A 156 16.09 38.08 -47.34
CA GLY A 156 14.74 38.04 -46.81
C GLY A 156 14.18 39.38 -46.41
N ARG A 157 14.78 40.01 -45.40
CA ARG A 157 14.31 41.29 -44.90
C ARG A 157 15.52 42.03 -44.31
N SER A 158 15.26 43.07 -43.52
CA SER A 158 16.32 43.78 -42.83
C SER A 158 16.84 42.92 -41.69
N ILE A 159 17.77 43.47 -40.92
CA ILE A 159 18.42 42.79 -39.80
C ILE A 159 18.57 43.77 -38.65
N SER A 160 19.07 43.26 -37.53
CA SER A 160 19.30 44.06 -36.33
C SER A 160 20.56 43.56 -35.64
N LEU A 161 21.17 44.45 -34.85
CA LEU A 161 22.37 44.15 -34.08
C LEU A 161 22.18 44.64 -32.67
N TYR A 162 22.25 43.73 -31.70
CA TYR A 162 22.05 44.06 -30.29
C TYR A 162 23.20 43.56 -29.45
N TYR A 163 23.05 43.63 -28.13
CA TYR A 163 24.06 43.10 -27.22
C TYR A 163 23.71 41.66 -26.84
N THR A 164 24.67 40.99 -26.22
CA THR A 164 24.52 39.63 -25.73
C THR A 164 24.85 39.61 -24.23
N GLY A 165 24.90 38.42 -23.66
CA GLY A 165 25.45 38.24 -22.33
C GLY A 165 24.81 39.12 -21.28
N GLU A 166 25.65 39.77 -20.48
CA GLU A 166 25.21 40.62 -19.39
C GLU A 166 25.14 42.10 -19.77
N LYS A 167 25.36 42.44 -21.04
CA LYS A 167 25.26 43.83 -21.45
C LYS A 167 23.87 44.19 -21.97
N GLY A 168 23.24 43.28 -22.70
CA GLY A 168 21.90 43.47 -23.20
C GLY A 168 20.79 43.00 -22.28
N GLN A 169 21.12 42.58 -21.06
CA GLN A 169 20.12 42.10 -20.12
C GLN A 169 19.35 43.28 -19.55
N ASN A 170 18.05 43.35 -19.84
CA ASN A 170 17.21 44.45 -19.36
C ASN A 170 16.97 44.33 -17.86
N GLY B 2 22.20 -15.74 -15.17
CA GLY B 2 23.50 -16.38 -15.13
C GLY B 2 23.46 -17.88 -15.34
N GLY B 3 22.24 -18.43 -15.31
CA GLY B 3 22.04 -19.86 -15.47
C GLY B 3 21.90 -20.58 -14.14
N GLY B 4 21.55 -21.86 -14.24
CA GLY B 4 21.38 -22.70 -13.08
C GLY B 4 22.64 -23.46 -12.72
N HIS B 5 22.45 -24.53 -11.92
CA HIS B 5 23.53 -25.42 -11.55
C HIS B 5 23.38 -26.83 -12.13
N MET B 6 22.17 -27.21 -12.53
CA MET B 6 21.97 -28.52 -13.13
C MET B 6 22.59 -28.56 -14.52
N PHE B 7 23.42 -29.57 -14.77
CA PHE B 7 24.10 -29.68 -16.06
C PHE B 7 23.09 -30.01 -17.15
N ASN B 8 23.14 -29.25 -18.24
CA ASN B 8 22.17 -29.41 -19.32
C ASN B 8 22.86 -29.26 -20.67
N LEU B 9 22.21 -29.80 -21.69
CA LEU B 9 22.74 -29.83 -23.04
C LEU B 9 21.71 -29.26 -24.01
N PHE B 10 22.19 -28.57 -25.04
CA PHE B 10 21.34 -28.09 -26.11
C PHE B 10 21.23 -29.17 -27.19
N VAL B 11 20.00 -29.40 -27.65
CA VAL B 11 19.73 -30.35 -28.73
C VAL B 11 18.95 -29.61 -29.81
N GLY B 12 19.42 -29.71 -31.05
CA GLY B 12 18.84 -29.00 -32.17
C GLY B 12 18.37 -29.93 -33.28
N ASN B 13 17.78 -29.30 -34.30
CA ASN B 13 17.25 -30.01 -35.46
C ASN B 13 16.19 -31.03 -35.05
N LEU B 14 15.29 -30.60 -34.17
CA LEU B 14 14.17 -31.44 -33.75
C LEU B 14 13.07 -31.43 -34.80
N ASN B 15 12.29 -32.50 -34.84
CA ASN B 15 11.14 -32.60 -35.73
C ASN B 15 10.02 -31.76 -35.14
N PHE B 16 9.87 -30.53 -35.62
CA PHE B 16 8.89 -29.60 -35.06
C PHE B 16 7.46 -29.99 -35.40
N ASN B 17 7.25 -30.94 -36.31
CA ASN B 17 5.89 -31.43 -36.59
C ASN B 17 5.36 -32.32 -35.47
N LYS B 18 6.21 -32.73 -34.53
CA LYS B 18 5.80 -33.53 -33.39
C LYS B 18 5.55 -32.63 -32.19
N SER B 19 4.57 -33.01 -31.37
CA SER B 19 4.25 -32.22 -30.20
C SER B 19 5.37 -32.30 -29.17
N ALA B 20 5.44 -31.29 -28.32
CA ALA B 20 6.46 -31.25 -27.28
C ALA B 20 6.46 -32.48 -26.37
N PRO B 21 5.31 -32.99 -25.90
CA PRO B 21 5.36 -34.26 -25.15
C PRO B 21 5.93 -35.41 -25.96
N GLU B 22 5.65 -35.47 -27.25
CA GLU B 22 6.23 -36.51 -28.10
C GLU B 22 7.75 -36.37 -28.16
N LEU B 23 8.24 -35.14 -28.31
CA LEU B 23 9.68 -34.91 -28.37
C LEU B 23 10.36 -35.29 -27.05
N LYS B 24 9.70 -35.01 -25.92
CA LYS B 24 10.25 -35.40 -24.63
C LYS B 24 10.43 -36.91 -24.55
N THR B 25 9.42 -37.67 -24.97
CA THR B 25 9.52 -39.12 -24.97
C THR B 25 10.58 -39.60 -25.97
N GLY B 26 10.59 -39.02 -27.16
CA GLY B 26 11.53 -39.47 -28.18
C GLY B 26 12.98 -39.21 -27.81
N ILE B 27 13.27 -38.00 -27.31
CA ILE B 27 14.64 -37.64 -26.94
C ILE B 27 15.11 -38.47 -25.76
N SER B 28 14.25 -38.67 -24.76
CA SER B 28 14.63 -39.47 -23.60
C SER B 28 14.90 -40.92 -23.97
N ASP B 29 14.11 -41.46 -24.91
CA ASP B 29 14.31 -42.84 -25.34
C ASP B 29 15.66 -43.03 -26.01
N VAL B 30 16.09 -42.04 -26.80
CA VAL B 30 17.36 -42.17 -27.51
C VAL B 30 18.52 -42.27 -26.54
N PHE B 31 18.52 -41.43 -25.49
CA PHE B 31 19.57 -41.50 -24.49
C PHE B 31 19.51 -42.80 -23.69
N ALA B 32 18.31 -43.40 -23.57
CA ALA B 32 18.19 -44.69 -22.93
C ALA B 32 18.90 -45.78 -23.73
N LYS B 33 18.94 -45.64 -25.06
CA LYS B 33 19.68 -46.57 -25.89
C LYS B 33 21.17 -46.55 -25.57
N ASN B 34 21.70 -45.39 -25.18
CA ASN B 34 23.11 -45.21 -24.88
C ASN B 34 23.39 -45.21 -23.38
N ASP B 35 22.53 -45.85 -22.58
CA ASP B 35 22.71 -45.99 -21.13
C ASP B 35 22.81 -44.63 -20.45
N LEU B 36 22.01 -43.67 -20.92
CA LEU B 36 21.92 -42.36 -20.30
C LEU B 36 20.48 -42.14 -19.85
N ALA B 37 20.28 -41.86 -18.57
CA ALA B 37 18.97 -41.61 -17.99
C ALA B 37 18.88 -40.12 -17.69
N VAL B 38 18.29 -39.36 -18.62
CA VAL B 38 18.13 -37.92 -18.42
C VAL B 38 17.14 -37.67 -17.29
N VAL B 39 17.17 -36.44 -16.76
CA VAL B 39 16.29 -36.08 -15.66
C VAL B 39 15.07 -35.35 -16.21
N ASP B 40 15.23 -34.66 -17.33
CA ASP B 40 14.14 -33.92 -17.93
C ASP B 40 14.55 -33.45 -19.32
N VAL B 41 13.54 -33.18 -20.15
CA VAL B 41 13.74 -32.62 -21.48
C VAL B 41 12.84 -31.41 -21.61
N ARG B 42 13.43 -30.27 -21.97
CA ARG B 42 12.71 -29.01 -22.12
C ARG B 42 12.78 -28.59 -23.59
N ILE B 43 11.62 -28.43 -24.22
CA ILE B 43 11.50 -28.13 -25.64
C ILE B 43 11.14 -26.66 -25.80
N GLY B 44 11.82 -25.98 -26.72
CA GLY B 44 11.57 -24.58 -26.98
C GLY B 44 10.20 -24.34 -27.61
N MET B 45 9.91 -23.06 -27.82
CA MET B 45 8.57 -22.67 -28.30
C MET B 45 8.29 -23.24 -29.68
N THR B 46 9.24 -23.07 -30.62
CA THR B 46 9.03 -23.53 -31.99
C THR B 46 9.12 -25.04 -32.14
N ARG B 47 9.58 -25.75 -31.10
CA ARG B 47 9.76 -27.20 -31.11
C ARG B 47 10.81 -27.65 -32.11
N LYS B 48 11.68 -26.75 -32.54
CA LYS B 48 12.82 -27.10 -33.39
C LYS B 48 14.09 -27.34 -32.60
N PHE B 49 14.11 -27.01 -31.30
CA PHE B 49 15.28 -27.15 -30.46
C PHE B 49 14.82 -27.41 -29.04
N GLY B 50 15.74 -27.87 -28.20
CA GLY B 50 15.41 -28.18 -26.83
C GLY B 50 16.63 -28.18 -25.94
N TYR B 51 16.40 -28.50 -24.67
CA TYR B 51 17.46 -28.61 -23.68
C TYR B 51 17.23 -29.87 -22.86
N VAL B 52 18.32 -30.62 -22.63
CA VAL B 52 18.26 -31.91 -21.95
C VAL B 52 19.07 -31.80 -20.66
N ASP B 53 18.47 -32.17 -19.54
CA ASP B 53 19.09 -32.09 -18.23
C ASP B 53 19.65 -33.43 -17.82
N PHE B 54 20.86 -33.42 -17.25
CA PHE B 54 21.52 -34.63 -16.79
C PHE B 54 21.82 -34.51 -15.30
N GLU B 55 21.90 -35.66 -14.63
CA GLU B 55 22.09 -35.71 -13.19
C GLU B 55 23.55 -35.52 -12.77
N SER B 56 24.49 -35.53 -13.71
CA SER B 56 25.90 -35.38 -13.37
C SER B 56 26.64 -34.77 -14.54
N ALA B 57 27.80 -34.19 -14.24
CA ALA B 57 28.67 -33.69 -15.29
C ALA B 57 29.26 -34.82 -16.11
N GLU B 58 29.40 -36.01 -15.51
CA GLU B 58 29.91 -37.16 -16.24
C GLU B 58 28.97 -37.58 -17.38
N ASP B 59 27.67 -37.57 -17.11
CA ASP B 59 26.70 -37.94 -18.15
C ASP B 59 26.65 -36.89 -19.26
N LEU B 60 26.84 -35.61 -18.92
CA LEU B 60 26.88 -34.57 -19.94
C LEU B 60 28.03 -34.79 -20.91
N GLU B 61 29.21 -35.16 -20.38
CA GLU B 61 30.36 -35.39 -21.25
C GLU B 61 30.14 -36.57 -22.19
N LYS B 62 29.56 -37.65 -21.68
CA LYS B 62 29.27 -38.81 -22.53
C LYS B 62 28.26 -38.45 -23.60
N ALA B 63 27.25 -37.64 -23.25
CA ALA B 63 26.24 -37.25 -24.22
C ALA B 63 26.84 -36.44 -25.37
N LEU B 64 27.74 -35.50 -25.04
CA LEU B 64 28.35 -34.67 -26.08
C LEU B 64 29.23 -35.46 -27.04
N GLU B 65 29.67 -36.66 -26.64
CA GLU B 65 30.50 -37.51 -27.48
C GLU B 65 29.70 -38.56 -28.24
N LEU B 66 28.39 -38.35 -28.39
CA LEU B 66 27.54 -39.25 -29.15
C LEU B 66 27.32 -38.72 -30.56
N THR B 67 27.11 -39.63 -31.50
CA THR B 67 26.89 -39.28 -32.90
C THR B 67 25.78 -40.14 -33.47
N GLY B 68 25.15 -39.64 -34.53
CA GLY B 68 24.13 -40.40 -35.24
C GLY B 68 22.89 -40.69 -34.43
N LEU B 69 22.44 -39.74 -33.62
CA LEU B 69 21.22 -39.90 -32.85
C LEU B 69 20.03 -39.44 -33.69
N LYS B 70 19.05 -40.35 -33.85
CA LYS B 70 17.86 -40.06 -34.64
C LYS B 70 16.62 -40.25 -33.78
N VAL B 71 15.74 -39.26 -33.79
CA VAL B 71 14.42 -39.36 -33.18
C VAL B 71 13.41 -38.77 -34.15
N PHE B 72 12.38 -39.56 -34.49
CA PHE B 72 11.33 -39.14 -35.41
C PHE B 72 11.90 -38.69 -36.75
N GLY B 73 12.92 -39.41 -37.23
CA GLY B 73 13.45 -39.20 -38.56
C GLY B 73 14.47 -38.09 -38.70
N ASN B 74 14.76 -37.34 -37.63
CA ASN B 74 15.70 -36.24 -37.68
C ASN B 74 16.98 -36.62 -36.95
N GLU B 75 18.12 -36.23 -37.52
CA GLU B 75 19.42 -36.43 -36.90
C GLU B 75 19.69 -35.24 -36.00
N ILE B 76 19.40 -35.39 -34.70
CA ILE B 76 19.58 -34.30 -33.77
C ILE B 76 21.07 -34.05 -33.54
N LYS B 77 21.40 -32.79 -33.24
CA LYS B 77 22.77 -32.41 -32.93
C LYS B 77 22.83 -31.89 -31.50
N LEU B 78 23.90 -32.24 -30.80
CA LEU B 78 24.10 -31.87 -29.40
C LEU B 78 25.22 -30.84 -29.32
N GLU B 79 24.96 -29.74 -28.61
CA GLU B 79 25.93 -28.66 -28.47
C GLU B 79 25.95 -28.20 -27.03
N LYS B 80 26.98 -27.43 -26.69
CA LYS B 80 27.03 -26.77 -25.39
C LYS B 80 26.06 -25.59 -25.37
N PRO B 81 25.17 -25.50 -24.38
CA PRO B 81 24.19 -24.41 -24.37
C PRO B 81 24.80 -23.06 -24.01
N LYS B 82 25.94 -23.04 -23.35
CA LYS B 82 26.60 -21.80 -22.93
C LYS B 82 27.93 -21.67 -23.64
N GLY B 83 28.75 -20.71 -23.17
CA GLY B 83 29.99 -20.33 -23.80
C GLY B 83 30.88 -21.47 -24.28
N LYS B 84 31.13 -21.51 -25.58
CA LYS B 84 31.92 -22.56 -26.19
C LYS B 84 33.38 -22.11 -26.29
N ASP B 85 34.22 -22.96 -26.88
CA ASP B 85 35.63 -22.61 -27.03
C ASP B 85 35.82 -21.35 -27.86
N SER B 86 34.93 -21.12 -28.83
CA SER B 86 35.05 -19.93 -29.67
C SER B 86 34.87 -18.65 -28.85
N LYS B 87 33.84 -18.60 -28.00
CA LYS B 87 33.59 -17.40 -27.22
C LYS B 87 34.56 -17.27 -26.05
N LYS B 88 34.93 -18.40 -25.42
CA LYS B 88 35.85 -18.34 -24.29
C LYS B 88 37.19 -17.76 -24.70
N GLU B 89 37.71 -18.18 -25.86
CA GLU B 89 38.97 -17.63 -26.34
C GLU B 89 38.84 -16.13 -26.62
N ARG B 90 37.73 -15.72 -27.22
CA ARG B 90 37.54 -14.29 -27.52
C ARG B 90 37.27 -13.49 -26.27
N ASP B 91 36.48 -14.05 -25.34
CA ASP B 91 36.16 -13.33 -24.11
C ASP B 91 37.39 -13.14 -23.24
N ALA B 92 38.36 -14.05 -23.31
CA ALA B 92 39.54 -13.96 -22.46
C ALA B 92 40.45 -12.79 -22.83
N ARG B 93 40.29 -12.22 -24.03
CA ARG B 93 41.14 -11.12 -24.48
C ARG B 93 40.35 -9.85 -24.78
N THR B 94 39.13 -9.73 -24.26
CA THR B 94 38.36 -8.50 -24.40
C THR B 94 37.94 -8.00 -23.03
N LEU B 95 38.02 -6.69 -22.84
CA LEU B 95 37.68 -6.03 -21.59
C LEU B 95 36.42 -5.19 -21.77
N LEU B 96 35.75 -4.93 -20.65
CA LEU B 96 34.57 -4.06 -20.62
C LEU B 96 34.93 -2.79 -19.88
N ALA B 97 34.80 -1.65 -20.55
CA ALA B 97 35.10 -0.34 -19.97
C ALA B 97 33.78 0.39 -19.70
N LYS B 98 33.63 0.89 -18.48
CA LYS B 98 32.40 1.53 -18.06
C LYS B 98 32.69 2.95 -17.57
N ASN B 99 31.61 3.67 -17.25
CA ASN B 99 31.67 5.07 -16.82
C ASN B 99 32.30 5.96 -17.90
N LEU B 100 32.14 5.56 -19.16
CA LEU B 100 32.68 6.36 -20.25
C LEU B 100 31.81 7.60 -20.49
N PRO B 101 32.39 8.69 -20.97
CA PRO B 101 31.59 9.84 -21.37
C PRO B 101 30.62 9.46 -22.47
N TYR B 102 29.41 10.03 -22.42
CA TYR B 102 28.40 9.71 -23.41
C TYR B 102 28.82 10.14 -24.81
N LYS B 103 29.47 11.31 -24.92
CA LYS B 103 29.95 11.82 -26.19
C LYS B 103 31.42 11.50 -26.44
N VAL B 104 31.89 10.36 -25.94
CA VAL B 104 33.23 9.90 -26.26
C VAL B 104 33.24 9.32 -27.68
N THR B 105 34.42 9.31 -28.29
CA THR B 105 34.58 8.84 -29.66
C THR B 105 35.61 7.72 -29.70
N GLN B 106 35.53 6.91 -30.77
CA GLN B 106 36.50 5.84 -30.95
C GLN B 106 37.91 6.39 -31.09
N ASP B 107 38.05 7.61 -31.61
CA ASP B 107 39.37 8.25 -31.65
C ASP B 107 39.90 8.49 -30.24
N GLU B 108 39.03 8.96 -29.34
CA GLU B 108 39.45 9.19 -27.96
C GLU B 108 39.77 7.88 -27.25
N LEU B 109 38.97 6.84 -27.47
CA LEU B 109 39.21 5.56 -26.82
C LEU B 109 40.46 4.88 -27.37
N LYS B 110 40.72 5.02 -28.68
CA LYS B 110 41.93 4.44 -29.26
C LYS B 110 43.18 5.09 -28.69
N GLU B 111 43.08 6.36 -28.27
CA GLU B 111 44.23 7.04 -27.70
C GLU B 111 44.67 6.42 -26.38
N VAL B 112 43.70 6.02 -25.55
CA VAL B 112 44.04 5.43 -24.25
C VAL B 112 44.25 3.92 -24.33
N PHE B 113 43.69 3.25 -25.34
CA PHE B 113 43.95 1.83 -25.58
C PHE B 113 44.60 1.73 -26.95
N GLU B 114 45.93 1.88 -26.97
CA GLU B 114 46.64 1.95 -28.24
C GLU B 114 46.77 0.58 -28.90
N ASP B 115 47.03 -0.46 -28.12
CA ASP B 115 47.22 -1.81 -28.62
C ASP B 115 45.92 -2.58 -28.78
N ALA B 116 44.78 -1.90 -28.65
CA ALA B 116 43.49 -2.58 -28.81
C ALA B 116 43.27 -2.99 -30.26
N ALA B 117 42.72 -4.18 -30.45
CA ALA B 117 42.39 -4.65 -31.80
C ALA B 117 41.07 -4.06 -32.27
N GLU B 118 40.01 -4.23 -31.49
CA GLU B 118 38.71 -3.64 -31.78
C GLU B 118 38.22 -2.87 -30.57
N ILE B 119 37.55 -1.74 -30.82
CA ILE B 119 36.89 -0.95 -29.78
C ILE B 119 35.46 -0.74 -30.24
N ARG B 120 34.51 -1.25 -29.46
CA ARG B 120 33.10 -1.26 -29.86
C ARG B 120 32.29 -0.51 -28.81
N LEU B 121 31.97 0.75 -29.11
CA LEU B 121 31.08 1.53 -28.25
C LEU B 121 29.68 0.95 -28.30
N VAL B 122 29.01 0.94 -27.15
CA VAL B 122 27.67 0.39 -27.02
C VAL B 122 26.71 1.57 -26.98
N SER B 123 26.03 1.81 -28.10
CA SER B 123 25.06 2.90 -28.21
C SER B 123 23.81 2.38 -28.91
N LYS B 124 22.65 2.87 -28.48
CA LYS B 124 21.36 2.47 -29.03
C LYS B 124 20.56 3.72 -29.37
N ASP B 125 20.32 3.94 -30.67
CA ASP B 125 19.51 5.05 -31.16
C ASP B 125 20.02 6.39 -30.66
N GLY B 126 21.34 6.59 -30.74
CA GLY B 126 21.94 7.85 -30.35
C GLY B 126 22.09 8.05 -28.86
N LYS B 127 21.65 7.09 -28.04
CA LYS B 127 21.83 7.15 -26.60
C LYS B 127 22.97 6.21 -26.21
N SER B 128 24.05 6.77 -25.68
CA SER B 128 25.20 5.97 -25.29
C SER B 128 24.92 5.25 -23.97
N LYS B 129 25.26 3.96 -23.93
CA LYS B 129 25.17 3.20 -22.68
C LYS B 129 26.26 3.58 -21.70
N GLY B 130 27.31 4.28 -22.16
CA GLY B 130 28.43 4.59 -21.30
C GLY B 130 29.44 3.49 -21.16
N ILE B 131 29.34 2.43 -21.95
CA ILE B 131 30.23 1.29 -21.88
C ILE B 131 30.78 0.98 -23.27
N ALA B 132 31.89 0.25 -23.31
CA ALA B 132 32.47 -0.21 -24.55
C ALA B 132 33.24 -1.49 -24.31
N TYR B 133 33.35 -2.31 -25.35
CA TYR B 133 34.09 -3.56 -25.30
C TYR B 133 35.40 -3.38 -26.04
N ILE B 134 36.51 -3.67 -25.37
CA ILE B 134 37.85 -3.44 -25.90
C ILE B 134 38.46 -4.81 -26.16
N GLU B 135 38.62 -5.17 -27.43
CA GLU B 135 39.16 -6.46 -27.82
C GLU B 135 40.66 -6.34 -28.06
N PHE B 136 41.43 -7.27 -27.48
CA PHE B 136 42.88 -7.28 -27.61
C PHE B 136 43.34 -8.51 -28.37
N LYS B 137 44.54 -8.41 -28.93
CA LYS B 137 45.08 -9.50 -29.74
C LYS B 137 45.35 -10.74 -28.89
N THR B 138 45.86 -10.57 -27.68
CA THR B 138 46.19 -11.68 -26.80
C THR B 138 45.59 -11.45 -25.43
N GLU B 139 45.42 -12.54 -24.68
CA GLU B 139 44.92 -12.45 -23.31
C GLU B 139 45.89 -11.68 -22.42
N ALA B 140 47.20 -11.80 -22.70
CA ALA B 140 48.19 -11.09 -21.90
C ALA B 140 48.05 -9.58 -22.04
N ASP B 141 47.83 -9.10 -23.28
CA ASP B 141 47.71 -7.66 -23.49
C ASP B 141 46.45 -7.10 -22.85
N ALA B 142 45.38 -7.91 -22.73
CA ALA B 142 44.19 -7.45 -22.05
C ALA B 142 44.42 -7.33 -20.55
N GLU B 143 45.10 -8.30 -19.96
CA GLU B 143 45.38 -8.24 -18.52
C GLU B 143 46.30 -7.09 -18.18
N LYS B 144 47.24 -6.79 -19.08
CA LYS B 144 48.14 -5.64 -18.88
C LYS B 144 47.34 -4.34 -18.79
N THR B 145 46.37 -4.16 -19.68
CA THR B 145 45.51 -2.98 -19.62
C THR B 145 44.66 -2.99 -18.35
N PHE B 146 44.14 -4.16 -17.98
CA PHE B 146 43.31 -4.26 -16.78
C PHE B 146 44.08 -3.87 -15.53
N GLU B 147 45.36 -4.26 -15.46
CA GLU B 147 46.16 -4.06 -14.27
C GLU B 147 46.85 -2.70 -14.21
N GLU B 148 46.89 -1.96 -15.32
CA GLU B 148 47.62 -0.69 -15.38
C GLU B 148 46.75 0.49 -15.77
N LYS B 149 45.87 0.33 -16.76
CA LYS B 149 45.01 1.43 -17.21
C LYS B 149 43.80 1.64 -16.31
N GLN B 150 43.65 0.85 -15.25
CA GLN B 150 42.50 0.98 -14.36
C GLN B 150 42.40 2.39 -13.79
N GLY B 151 41.21 2.97 -13.84
CA GLY B 151 40.98 4.30 -13.31
C GLY B 151 41.44 5.43 -14.18
N THR B 152 41.79 5.17 -15.45
CA THR B 152 42.22 6.23 -16.34
C THR B 152 41.07 7.19 -16.60
N GLU B 153 41.37 8.49 -16.57
CA GLU B 153 40.36 9.52 -16.73
C GLU B 153 40.22 9.91 -18.19
N ILE B 154 38.98 9.98 -18.67
CA ILE B 154 38.65 10.49 -19.99
C ILE B 154 37.57 11.55 -19.81
N ASP B 155 37.89 12.79 -20.21
CA ASP B 155 36.98 13.93 -20.05
C ASP B 155 36.56 14.10 -18.58
N GLY B 156 37.51 13.87 -17.67
CA GLY B 156 37.27 14.06 -16.26
C GLY B 156 36.62 12.88 -15.56
N ARG B 157 36.23 11.84 -16.28
CA ARG B 157 35.63 10.65 -15.68
C ARG B 157 36.66 9.53 -15.67
N SER B 158 37.01 9.06 -14.47
CA SER B 158 37.87 7.88 -14.35
C SER B 158 37.06 6.64 -14.71
N ILE B 159 37.54 5.89 -15.69
CA ILE B 159 36.79 4.77 -16.24
C ILE B 159 37.20 3.49 -15.51
N SER B 160 36.28 2.54 -15.47
CA SER B 160 36.51 1.26 -14.81
C SER B 160 36.64 0.16 -15.86
N LEU B 161 37.46 -0.84 -15.54
CA LEU B 161 37.74 -1.95 -16.44
C LEU B 161 37.34 -3.26 -15.78
N TYR B 162 36.68 -4.12 -16.56
CA TYR B 162 36.22 -5.41 -16.06
C TYR B 162 36.53 -6.48 -17.09
N TYR B 163 36.80 -7.69 -16.61
CA TYR B 163 36.93 -8.83 -17.49
C TYR B 163 35.57 -9.25 -18.03
N THR B 164 35.59 -10.02 -19.10
CA THR B 164 34.37 -10.54 -19.73
C THR B 164 34.37 -12.06 -19.66
N GLY B 165 33.22 -12.64 -20.00
CA GLY B 165 33.10 -14.09 -19.92
C GLY B 165 33.17 -14.57 -18.49
N GLU B 166 33.84 -15.70 -18.30
CA GLU B 166 33.99 -16.29 -16.97
C GLU B 166 34.99 -15.54 -16.11
N LYS B 167 35.93 -14.80 -16.71
CA LYS B 167 36.90 -14.07 -15.92
C LYS B 167 36.25 -12.93 -15.15
N GLY B 168 35.18 -12.35 -15.68
CA GLY B 168 34.48 -11.27 -15.02
C GLY B 168 33.30 -11.66 -14.18
N GLN B 169 32.92 -12.94 -14.15
CA GLN B 169 31.77 -13.36 -13.38
C GLN B 169 32.10 -13.38 -11.89
N ASN B 170 31.22 -12.78 -11.09
CA ASN B 170 31.41 -12.73 -9.64
C ASN B 170 30.48 -13.76 -9.00
N GLN B 171 31.03 -14.93 -8.70
CA GLN B 171 30.27 -15.92 -7.94
C GLN B 171 30.20 -15.48 -6.48
N ASP B 172 29.13 -14.78 -6.12
CA ASP B 172 28.97 -14.17 -4.80
C ASP B 172 30.10 -13.18 -4.53
N ILE D 2 13.90 -42.60 -12.27
CA ILE D 2 14.34 -42.07 -13.56
C ILE D 2 13.42 -40.94 -14.00
N SER D 3 13.89 -39.71 -13.84
CA SER D 3 13.18 -38.50 -14.26
C SER D 3 11.85 -38.31 -13.52
N GLU D 4 11.64 -39.03 -12.43
CA GLU D 4 10.43 -38.87 -11.64
C GLU D 4 10.48 -37.59 -10.84
N VAL D 5 9.39 -36.83 -10.86
CA VAL D 5 9.33 -35.54 -10.19
C VAL D 5 8.79 -35.75 -8.79
N GLN D 6 9.48 -35.18 -7.79
CA GLN D 6 9.05 -35.27 -6.41
C GLN D 6 9.40 -33.98 -5.69
N LEU D 7 8.46 -33.48 -4.89
CA LEU D 7 8.63 -32.27 -4.09
C LEU D 7 8.41 -32.61 -2.63
N VAL D 8 9.35 -32.21 -1.78
CA VAL D 8 9.27 -32.45 -0.34
C VAL D 8 9.45 -31.11 0.36
N GLU D 9 8.43 -30.70 1.12
CA GLU D 9 8.49 -29.48 1.91
C GLU D 9 8.63 -29.83 3.38
N SER D 10 9.49 -29.08 4.07
CA SER D 10 9.77 -29.30 5.48
C SER D 10 9.89 -27.94 6.18
N GLY D 11 10.10 -27.99 7.49
CA GLY D 11 10.21 -26.78 8.28
C GLY D 11 8.96 -26.33 8.99
N GLY D 12 7.89 -27.14 8.95
CA GLY D 12 6.68 -26.77 9.65
C GLY D 12 6.77 -27.00 11.15
N GLY D 13 5.91 -26.30 11.87
CA GLY D 13 5.89 -26.43 13.31
C GLY D 13 5.15 -25.26 13.95
N LEU D 14 5.34 -25.11 15.25
CA LEU D 14 4.69 -24.06 16.00
C LEU D 14 5.48 -22.75 15.89
N VAL D 15 4.76 -21.65 16.07
CA VAL D 15 5.35 -20.32 16.06
C VAL D 15 4.39 -19.36 16.75
N GLN D 16 4.94 -18.50 17.60
CA GLN D 16 4.13 -17.49 18.26
C GLN D 16 3.74 -16.39 17.26
N PRO D 17 2.63 -15.69 17.52
CA PRO D 17 2.25 -14.58 16.63
C PRO D 17 3.35 -13.53 16.57
N GLY D 18 3.58 -13.02 15.36
CA GLY D 18 4.67 -12.10 15.12
C GLY D 18 6.02 -12.74 14.91
N GLY D 19 6.12 -14.05 15.03
CA GLY D 19 7.37 -14.76 14.84
C GLY D 19 7.66 -15.01 13.37
N SER D 20 8.75 -15.74 13.14
CA SER D 20 9.20 -16.07 11.79
C SER D 20 9.40 -17.57 11.66
N LEU D 21 9.19 -18.07 10.45
CA LEU D 21 9.38 -19.49 10.15
C LEU D 21 9.81 -19.62 8.70
N ARG D 22 10.76 -20.51 8.44
CA ARG D 22 11.29 -20.73 7.10
C ARG D 22 10.88 -22.12 6.61
N LEU D 23 10.28 -22.16 5.42
CA LEU D 23 9.89 -23.41 4.78
C LEU D 23 10.80 -23.67 3.60
N SER D 24 11.16 -24.94 3.39
CA SER D 24 12.02 -25.34 2.29
C SER D 24 11.32 -26.43 1.47
N CYS D 25 11.41 -26.30 0.15
CA CYS D 25 10.81 -27.24 -0.79
C CYS D 25 11.94 -27.90 -1.58
N ALA D 26 12.16 -29.19 -1.33
CA ALA D 26 13.23 -29.94 -1.98
C ALA D 26 12.71 -30.53 -3.29
N ALA D 27 13.28 -30.10 -4.41
CA ALA D 27 12.82 -30.48 -5.73
C ALA D 27 13.81 -31.45 -6.37
N SER D 28 13.30 -32.55 -6.91
CA SER D 28 14.10 -33.53 -7.62
C SER D 28 13.37 -33.95 -8.88
N GLY D 29 14.15 -34.27 -9.92
CA GLY D 29 13.60 -34.69 -11.18
C GLY D 29 13.47 -33.63 -12.24
N PHE D 30 13.82 -32.38 -11.94
CA PHE D 30 13.76 -31.30 -12.92
C PHE D 30 14.69 -30.18 -12.48
N ASN D 31 14.98 -29.29 -13.43
CA ASN D 31 15.84 -28.14 -13.18
C ASN D 31 14.98 -27.01 -12.61
N ILE D 32 15.14 -26.73 -11.32
CA ILE D 32 14.31 -25.73 -10.65
C ILE D 32 14.56 -24.34 -11.18
N TYR D 33 15.69 -24.11 -11.85
CA TYR D 33 16.01 -22.78 -12.34
C TYR D 33 15.11 -22.37 -13.50
N TYR D 34 14.64 -23.34 -14.30
CA TYR D 34 13.86 -23.04 -15.49
C TYR D 34 12.37 -23.32 -15.33
N TYR D 35 11.92 -23.62 -14.12
CA TYR D 35 10.50 -23.78 -13.83
C TYR D 35 10.04 -22.68 -12.89
N SER D 36 8.74 -22.66 -12.63
CA SER D 36 8.14 -21.75 -11.66
C SER D 36 7.63 -22.58 -10.49
N ILE D 37 8.10 -22.26 -9.29
CA ILE D 37 7.72 -22.95 -8.08
C ILE D 37 6.72 -22.09 -7.32
N HIS D 38 5.64 -22.70 -6.86
CA HIS D 38 4.54 -21.99 -6.20
C HIS D 38 4.32 -22.54 -4.81
N TRP D 39 3.88 -21.67 -3.91
CA TRP D 39 3.45 -22.06 -2.57
C TRP D 39 1.95 -21.84 -2.45
N VAL D 40 1.23 -22.91 -2.12
CA VAL D 40 -0.22 -22.86 -1.92
C VAL D 40 -0.52 -23.42 -0.54
N ARG D 41 -1.27 -22.68 0.25
CA ARG D 41 -1.64 -23.09 1.60
C ARG D 41 -3.13 -23.35 1.68
N GLN D 42 -3.51 -24.18 2.65
CA GLN D 42 -4.90 -24.58 2.85
C GLN D 42 -5.18 -24.61 4.34
N ALA D 43 -5.98 -23.66 4.81
CA ALA D 43 -6.36 -23.63 6.22
C ALA D 43 -7.22 -24.85 6.55
N PRO D 44 -7.26 -25.27 7.83
CA PRO D 44 -8.06 -26.44 8.20
C PRO D 44 -9.51 -26.34 7.76
N GLY D 45 -9.95 -27.29 6.95
CA GLY D 45 -11.32 -27.28 6.45
C GLY D 45 -11.65 -26.09 5.58
N LYS D 46 -10.69 -25.61 4.80
CA LYS D 46 -10.87 -24.44 3.94
C LYS D 46 -10.36 -24.76 2.54
N GLY D 47 -10.42 -23.76 1.67
CA GLY D 47 -10.01 -23.91 0.30
C GLY D 47 -8.53 -23.63 0.09
N LEU D 48 -8.13 -23.66 -1.17
CA LEU D 48 -6.73 -23.42 -1.55
C LEU D 48 -6.49 -21.92 -1.70
N GLU D 49 -5.41 -21.43 -1.08
CA GLU D 49 -5.02 -20.03 -1.18
C GLU D 49 -3.58 -19.97 -1.69
N TRP D 50 -3.42 -19.43 -2.90
CA TRP D 50 -2.09 -19.23 -3.46
C TRP D 50 -1.34 -18.17 -2.67
N VAL D 51 -0.06 -18.42 -2.44
CA VAL D 51 0.76 -17.56 -1.58
C VAL D 51 1.80 -16.78 -2.38
N ALA D 52 2.71 -17.48 -3.06
CA ALA D 52 3.80 -16.83 -3.77
C ALA D 52 4.32 -17.77 -4.85
N SER D 53 5.08 -17.19 -5.78
CA SER D 53 5.71 -17.95 -6.84
C SER D 53 7.05 -17.31 -7.20
N ILE D 54 7.96 -18.13 -7.73
CA ILE D 54 9.26 -17.65 -8.16
C ILE D 54 9.60 -18.30 -9.50
N SER D 55 10.15 -17.51 -10.41
CA SER D 55 10.60 -17.98 -11.73
C SER D 55 12.05 -17.55 -11.89
N PRO D 56 12.99 -18.35 -11.42
CA PRO D 56 14.40 -17.90 -11.38
C PRO D 56 14.98 -17.53 -12.74
N SER D 57 14.59 -18.24 -13.81
CA SER D 57 15.17 -17.95 -15.12
C SER D 57 14.82 -16.55 -15.59
N TYR D 58 13.68 -16.02 -15.15
CA TYR D 58 13.27 -14.65 -15.47
C TYR D 58 13.39 -13.71 -14.29
N GLY D 59 13.81 -14.21 -13.12
CA GLY D 59 13.95 -13.36 -11.95
C GLY D 59 12.66 -12.72 -11.50
N TYR D 60 11.55 -13.46 -11.58
CA TYR D 60 10.23 -12.93 -11.28
C TYR D 60 9.69 -13.59 -10.02
N THR D 61 9.21 -12.75 -9.10
CA THR D 61 8.53 -13.20 -7.89
C THR D 61 7.25 -12.40 -7.71
N SER D 62 6.20 -13.08 -7.27
CA SER D 62 4.92 -12.43 -6.97
C SER D 62 4.36 -13.03 -5.69
N TYR D 63 3.60 -12.22 -4.96
CA TYR D 63 3.03 -12.62 -3.68
C TYR D 63 1.56 -12.28 -3.63
N ALA D 64 0.80 -13.09 -2.90
CA ALA D 64 -0.60 -12.78 -2.66
C ALA D 64 -0.71 -11.52 -1.81
N ASP D 65 -1.82 -10.81 -1.98
CA ASP D 65 -1.99 -9.52 -1.29
C ASP D 65 -1.98 -9.68 0.23
N SER D 66 -2.40 -10.84 0.73
CA SER D 66 -2.46 -11.06 2.17
C SER D 66 -1.10 -11.35 2.79
N VAL D 67 -0.11 -11.70 1.99
CA VAL D 67 1.22 -12.04 2.51
C VAL D 67 2.32 -11.13 1.99
N LYS D 68 2.03 -10.25 1.04
CA LYS D 68 3.06 -9.39 0.46
C LYS D 68 3.66 -8.49 1.52
N GLY D 69 5.00 -8.41 1.53
CA GLY D 69 5.73 -7.66 2.52
C GLY D 69 6.17 -8.47 3.73
N ARG D 70 5.42 -9.52 4.08
CA ARG D 70 5.76 -10.38 5.19
C ARG D 70 6.41 -11.70 4.74
N PHE D 71 6.16 -12.13 3.51
CA PHE D 71 6.68 -13.38 2.98
C PHE D 71 7.71 -13.09 1.89
N THR D 72 8.77 -13.89 1.87
CA THR D 72 9.79 -13.80 0.83
C THR D 72 10.07 -15.19 0.28
N ILE D 73 9.95 -15.34 -1.03
CA ILE D 73 10.19 -16.62 -1.70
C ILE D 73 11.55 -16.55 -2.39
N SER D 74 12.26 -17.68 -2.38
CA SER D 74 13.60 -17.72 -2.95
C SER D 74 13.92 -19.16 -3.32
N ALA D 75 14.97 -19.32 -4.12
CA ALA D 75 15.42 -20.62 -4.57
C ALA D 75 16.93 -20.71 -4.50
N ASP D 76 17.43 -21.93 -4.30
CA ASP D 76 18.86 -22.22 -4.30
C ASP D 76 19.09 -23.32 -5.33
N THR D 77 19.54 -22.94 -6.52
CA THR D 77 19.78 -23.91 -7.58
C THR D 77 20.92 -24.86 -7.26
N SER D 78 21.81 -24.48 -6.33
CA SER D 78 22.87 -25.39 -5.91
C SER D 78 22.29 -26.65 -5.28
N LYS D 79 21.24 -26.50 -4.47
CA LYS D 79 20.60 -27.63 -3.81
C LYS D 79 19.29 -28.02 -4.46
N ASN D 80 18.91 -27.38 -5.57
CA ASN D 80 17.65 -27.63 -6.26
C ASN D 80 16.47 -27.51 -5.29
N THR D 81 16.50 -26.46 -4.49
CA THR D 81 15.56 -26.27 -3.39
C THR D 81 15.03 -24.85 -3.40
N ALA D 82 13.73 -24.70 -3.22
CA ALA D 82 13.07 -23.41 -3.06
C ALA D 82 12.70 -23.19 -1.61
N TYR D 83 12.60 -21.93 -1.22
CA TYR D 83 12.35 -21.56 0.17
C TYR D 83 11.22 -20.54 0.25
N LEU D 84 10.55 -20.54 1.41
CA LEU D 84 9.52 -19.55 1.73
C LEU D 84 9.82 -18.99 3.11
N GLN D 85 10.41 -17.80 3.15
CA GLN D 85 10.68 -17.11 4.41
C GLN D 85 9.51 -16.20 4.73
N MET D 86 8.75 -16.54 5.78
CA MET D 86 7.58 -15.78 6.17
C MET D 86 7.77 -15.22 7.58
N ASN D 87 7.63 -13.91 7.71
CA ASN D 87 7.79 -13.20 8.97
C ASN D 87 6.47 -12.52 9.33
N SER D 88 6.41 -12.04 10.58
CA SER D 88 5.22 -11.38 11.12
C SER D 88 3.98 -12.27 10.99
N LEU D 89 4.16 -13.55 11.35
CA LEU D 89 3.08 -14.51 11.20
C LEU D 89 1.93 -14.20 12.14
N ARG D 90 0.71 -14.44 11.66
CA ARG D 90 -0.51 -14.20 12.41
C ARG D 90 -1.32 -15.49 12.46
N ALA D 91 -2.28 -15.53 13.40
CA ALA D 91 -3.09 -16.73 13.56
C ALA D 91 -3.85 -17.09 12.29
N GLU D 92 -4.13 -16.11 11.44
CA GLU D 92 -4.79 -16.37 10.16
C GLU D 92 -3.86 -17.03 9.14
N ASP D 93 -2.55 -17.10 9.43
CA ASP D 93 -1.60 -17.77 8.56
C ASP D 93 -1.48 -19.26 8.86
N THR D 94 -2.25 -19.76 9.82
CA THR D 94 -2.22 -21.18 10.15
C THR D 94 -2.85 -21.99 9.02
N ALA D 95 -2.08 -22.87 8.41
CA ALA D 95 -2.56 -23.66 7.28
C ALA D 95 -1.56 -24.79 7.02
N VAL D 96 -1.89 -25.64 6.05
CA VAL D 96 -0.98 -26.64 5.52
C VAL D 96 -0.40 -26.08 4.23
N TYR D 97 0.92 -25.96 4.18
CA TYR D 97 1.60 -25.31 3.06
C TYR D 97 2.13 -26.36 2.10
N TYR D 98 1.68 -26.30 0.85
CA TYR D 98 2.21 -27.12 -0.23
C TYR D 98 3.13 -26.27 -1.12
N CYS D 99 4.08 -26.95 -1.76
CA CYS D 99 4.83 -26.36 -2.87
C CYS D 99 4.52 -27.15 -4.13
N ALA D 100 4.37 -26.44 -5.25
CA ALA D 100 3.98 -27.03 -6.51
C ALA D 100 4.86 -26.51 -7.63
N ARG D 101 4.92 -27.28 -8.72
CA ARG D 101 5.69 -26.93 -9.90
C ARG D 101 4.78 -26.78 -11.11
N TRP D 102 5.07 -25.80 -11.95
CA TRP D 102 4.34 -25.64 -13.19
C TRP D 102 4.56 -26.85 -14.10
N SER D 103 3.53 -27.20 -14.87
CA SER D 103 3.59 -28.41 -15.67
C SER D 103 4.49 -28.29 -16.89
N ARG D 104 4.92 -27.08 -17.26
CA ARG D 104 5.90 -26.90 -18.32
C ARG D 104 6.86 -25.79 -17.92
N TRP D 105 8.10 -25.91 -18.38
CA TRP D 105 9.12 -24.93 -18.04
C TRP D 105 8.83 -23.59 -18.70
N ALA D 106 9.62 -22.58 -18.33
CA ALA D 106 9.42 -21.21 -18.80
C ALA D 106 10.09 -21.04 -20.16
N TYR D 107 9.51 -21.71 -21.16
CA TYR D 107 10.04 -21.63 -22.52
C TYR D 107 9.94 -20.21 -23.08
N SER D 108 8.92 -19.46 -22.65
CA SER D 108 8.73 -18.08 -23.05
C SER D 108 8.25 -17.29 -21.84
N TYR D 109 8.31 -15.96 -21.96
CA TYR D 109 7.87 -15.12 -20.85
C TYR D 109 6.36 -15.29 -20.61
N TRP D 110 5.59 -15.40 -21.68
CA TRP D 110 4.15 -15.63 -21.61
C TRP D 110 3.79 -17.05 -21.20
N SER D 111 4.72 -17.90 -20.76
CA SER D 111 4.39 -19.28 -20.43
C SER D 111 3.45 -19.40 -19.24
N TYR D 112 3.38 -18.37 -18.39
CA TYR D 112 2.47 -18.42 -17.25
C TYR D 112 1.01 -18.33 -17.67
N LYS D 113 0.74 -17.91 -18.90
CA LYS D 113 -0.62 -17.77 -19.41
C LYS D 113 -1.24 -19.09 -19.83
N SER D 114 -0.58 -20.21 -19.57
CA SER D 114 -1.12 -21.52 -19.87
C SER D 114 -0.61 -22.51 -18.83
N TYR D 115 -0.99 -23.77 -19.01
CA TYR D 115 -0.55 -24.87 -18.15
C TYR D 115 -0.94 -24.64 -16.69
N GLY D 116 -0.33 -25.38 -15.78
CA GLY D 116 -0.70 -25.26 -14.38
C GLY D 116 0.21 -26.09 -13.51
N MET D 117 -0.18 -26.22 -12.24
CA MET D 117 0.60 -26.94 -11.24
C MET D 117 0.19 -28.41 -11.27
N ASP D 118 1.08 -29.26 -11.77
CA ASP D 118 0.77 -30.68 -11.90
C ASP D 118 1.47 -31.56 -10.88
N TYR D 119 2.53 -31.06 -10.23
CA TYR D 119 3.25 -31.81 -9.21
C TYR D 119 3.21 -31.06 -7.89
N TRP D 120 2.81 -31.74 -6.83
CA TRP D 120 2.64 -31.15 -5.51
C TRP D 120 3.38 -31.99 -4.48
N GLY D 121 3.73 -31.34 -3.36
CA GLY D 121 4.30 -32.03 -2.24
C GLY D 121 3.24 -32.55 -1.28
N GLN D 122 3.70 -33.27 -0.26
CA GLN D 122 2.79 -33.76 0.77
C GLN D 122 2.21 -32.63 1.61
N GLY D 123 2.88 -31.49 1.66
CA GLY D 123 2.46 -30.39 2.51
C GLY D 123 3.02 -30.49 3.90
N THR D 124 3.17 -29.34 4.55
CA THR D 124 3.63 -29.27 5.92
C THR D 124 2.73 -28.33 6.70
N LEU D 125 2.56 -28.64 7.99
CA LEU D 125 1.62 -27.92 8.83
C LEU D 125 2.32 -26.81 9.60
N VAL D 126 1.77 -25.61 9.54
CA VAL D 126 2.26 -24.46 10.28
C VAL D 126 1.13 -23.93 11.15
N THR D 127 1.38 -23.82 12.45
CA THR D 127 0.41 -23.29 13.40
C THR D 127 0.98 -22.04 14.02
N VAL D 128 0.23 -20.94 13.92
CA VAL D 128 0.63 -19.66 14.50
C VAL D 128 -0.29 -19.41 15.69
N SER D 129 0.22 -19.65 16.89
CA SER D 129 -0.57 -19.48 18.10
C SER D 129 0.36 -19.19 19.27
N SER D 130 -0.14 -18.42 20.23
CA SER D 130 0.58 -18.17 21.47
C SER D 130 0.48 -19.34 22.45
N ALA D 131 -0.42 -20.28 22.20
CA ALA D 131 -0.58 -21.42 23.10
C ALA D 131 0.63 -22.33 23.04
N SER D 132 0.86 -23.04 24.15
CA SER D 132 1.96 -23.99 24.27
C SER D 132 1.42 -25.41 24.19
N THR D 133 2.31 -26.34 23.85
CA THR D 133 1.93 -27.74 23.67
C THR D 133 1.27 -28.29 24.94
N LYS D 134 0.19 -29.01 24.76
CA LYS D 134 -0.61 -29.48 25.90
C LYS D 134 -1.30 -30.79 25.55
N GLY D 135 -1.42 -31.65 26.55
CA GLY D 135 -2.06 -32.94 26.37
C GLY D 135 -3.57 -32.85 26.50
N PRO D 136 -4.26 -33.81 25.88
CA PRO D 136 -5.73 -33.76 25.89
C PRO D 136 -6.33 -34.29 27.18
N SER D 137 -7.42 -33.67 27.60
CA SER D 137 -8.26 -34.18 28.67
C SER D 137 -9.44 -34.90 28.06
N VAL D 138 -9.63 -36.16 28.44
CA VAL D 138 -10.62 -37.03 27.82
C VAL D 138 -11.75 -37.27 28.81
N PHE D 139 -12.97 -36.98 28.39
CA PHE D 139 -14.16 -37.19 29.20
C PHE D 139 -15.12 -38.14 28.49
N PRO D 140 -15.76 -39.04 29.22
CA PRO D 140 -16.68 -39.98 28.59
C PRO D 140 -18.04 -39.38 28.31
N LEU D 141 -18.65 -39.83 27.22
CA LEU D 141 -20.04 -39.53 26.89
C LEU D 141 -20.82 -40.81 27.15
N ALA D 142 -21.25 -40.98 28.41
CA ALA D 142 -21.81 -42.25 28.84
C ALA D 142 -23.14 -42.52 28.12
N PRO D 143 -23.36 -43.76 27.66
CA PRO D 143 -24.64 -44.11 27.05
C PRO D 143 -25.76 -44.08 28.08
N SER D 144 -26.79 -43.30 27.80
CA SER D 144 -27.88 -43.12 28.75
C SER D 144 -28.69 -44.41 28.91
N SER D 145 -29.30 -44.56 30.08
CA SER D 145 -30.12 -45.73 30.38
C SER D 145 -31.38 -45.79 29.52
N LYS D 146 -31.74 -44.69 28.86
CA LYS D 146 -32.99 -44.62 28.11
C LYS D 146 -33.01 -45.54 26.89
N SER D 147 -31.85 -46.02 26.45
CA SER D 147 -31.77 -46.71 25.16
C SER D 147 -32.65 -47.95 25.11
N THR D 148 -32.82 -48.65 26.24
CA THR D 148 -33.66 -49.84 26.33
C THR D 148 -33.14 -50.94 25.42
N SER D 149 -33.85 -51.21 24.31
CA SER D 149 -33.40 -52.22 23.35
C SER D 149 -32.97 -51.58 22.04
N GLY D 150 -33.86 -50.83 21.38
CA GLY D 150 -33.42 -49.83 20.42
C GLY D 150 -32.74 -50.34 19.16
N GLY D 151 -31.64 -51.06 19.34
CA GLY D 151 -30.66 -51.22 18.30
C GLY D 151 -29.75 -50.03 18.15
N THR D 152 -29.92 -49.01 19.01
CA THR D 152 -29.15 -47.77 18.95
C THR D 152 -28.59 -47.51 20.34
N ALA D 153 -27.26 -47.55 20.48
CA ALA D 153 -26.60 -47.21 21.73
C ALA D 153 -25.48 -46.22 21.40
N ALA D 154 -25.73 -44.94 21.67
CA ALA D 154 -24.79 -43.88 21.34
C ALA D 154 -23.91 -43.60 22.56
N LEU D 155 -22.59 -43.67 22.36
CA LEU D 155 -21.62 -43.36 23.41
C LEU D 155 -20.36 -42.83 22.74
N GLY D 156 -19.57 -42.09 23.50
CA GLY D 156 -18.40 -41.49 22.90
C GLY D 156 -17.42 -40.98 23.94
N CYS D 157 -16.29 -40.47 23.42
CA CYS D 157 -15.27 -39.84 24.24
C CYS D 157 -15.09 -38.40 23.81
N LEU D 158 -14.92 -37.51 24.78
CA LEU D 158 -14.78 -36.08 24.56
C LEU D 158 -13.32 -35.70 24.76
N VAL D 159 -12.59 -35.55 23.67
CA VAL D 159 -11.19 -35.14 23.70
C VAL D 159 -11.17 -33.61 23.75
N LYS D 160 -10.76 -33.07 24.89
CA LYS D 160 -10.88 -31.64 25.14
C LYS D 160 -9.54 -31.05 25.59
N ASP D 161 -9.32 -29.79 25.20
CA ASP D 161 -8.22 -28.97 25.71
C ASP D 161 -6.86 -29.60 25.42
N TYR D 162 -6.56 -29.69 24.12
CA TYR D 162 -5.26 -30.14 23.66
C TYR D 162 -4.73 -29.18 22.60
N PHE D 163 -3.41 -29.13 22.47
CA PHE D 163 -2.77 -28.29 21.48
C PHE D 163 -1.39 -28.85 21.16
N PRO D 164 -0.98 -28.87 19.90
CA PRO D 164 -1.75 -28.48 18.70
C PRO D 164 -2.39 -29.67 17.99
N GLU D 165 -2.95 -29.44 16.81
CA GLU D 165 -3.42 -30.53 15.97
C GLU D 165 -2.23 -31.38 15.55
N PRO D 166 -2.43 -32.70 15.34
CA PRO D 166 -3.67 -33.47 15.44
C PRO D 166 -3.76 -34.45 16.61
N VAL D 167 -4.89 -35.13 16.70
CA VAL D 167 -5.08 -36.29 17.57
C VAL D 167 -5.66 -37.43 16.73
N THR D 168 -5.47 -38.64 17.22
CA THR D 168 -6.05 -39.83 16.60
C THR D 168 -6.83 -40.59 17.66
N VAL D 169 -8.08 -40.91 17.36
CA VAL D 169 -8.98 -41.58 18.30
C VAL D 169 -9.30 -42.97 17.76
N SER D 170 -9.15 -43.97 18.61
CA SER D 170 -9.47 -45.35 18.29
C SER D 170 -10.39 -45.93 19.36
N TRP D 171 -11.14 -46.96 18.98
CA TRP D 171 -12.11 -47.59 19.88
C TRP D 171 -11.76 -49.06 20.05
N ASN D 172 -11.55 -49.46 21.30
CA ASN D 172 -11.23 -50.85 21.65
C ASN D 172 -10.04 -51.37 20.84
N SER D 173 -8.95 -50.61 20.88
CA SER D 173 -7.69 -50.96 20.21
C SER D 173 -7.87 -51.13 18.70
N GLY D 174 -8.84 -50.40 18.13
CA GLY D 174 -9.08 -50.48 16.70
C GLY D 174 -9.99 -51.61 16.26
N ALA D 175 -10.48 -52.44 17.18
CA ALA D 175 -11.39 -53.51 16.80
C ALA D 175 -12.75 -52.96 16.40
N LEU D 176 -13.28 -52.01 17.17
CA LEU D 176 -14.57 -51.41 16.87
C LEU D 176 -14.40 -50.39 15.75
N THR D 177 -15.00 -50.67 14.59
CA THR D 177 -14.86 -49.81 13.42
C THR D 177 -16.17 -49.34 12.82
N SER D 178 -17.28 -50.04 13.04
CA SER D 178 -18.56 -49.67 12.45
C SER D 178 -19.30 -48.69 13.34
N GLY D 179 -19.85 -47.65 12.72
CA GLY D 179 -20.58 -46.63 13.43
C GLY D 179 -19.74 -45.57 14.10
N VAL D 180 -18.42 -45.62 13.94
CA VAL D 180 -17.54 -44.65 14.59
C VAL D 180 -17.56 -43.35 13.80
N HIS D 181 -17.77 -42.24 14.49
CA HIS D 181 -17.74 -40.91 13.89
C HIS D 181 -16.83 -40.01 14.72
N THR D 182 -15.63 -39.74 14.20
CA THR D 182 -14.67 -38.87 14.86
C THR D 182 -14.78 -37.48 14.23
N PHE D 183 -15.35 -36.54 14.95
CA PHE D 183 -15.63 -35.23 14.40
C PHE D 183 -14.34 -34.41 14.29
N PRO D 184 -14.28 -33.48 13.33
CA PRO D 184 -13.12 -32.58 13.25
C PRO D 184 -13.05 -31.67 14.47
N ALA D 185 -11.82 -31.27 14.80
CA ALA D 185 -11.60 -30.43 15.96
C ALA D 185 -12.11 -29.01 15.73
N VAL D 186 -12.34 -28.30 16.83
CA VAL D 186 -12.70 -26.90 16.81
C VAL D 186 -11.69 -26.13 17.64
N LEU D 187 -11.48 -24.86 17.28
CA LEU D 187 -10.55 -23.98 17.97
C LEU D 187 -11.35 -23.10 18.92
N GLN D 188 -11.18 -23.33 20.22
CA GLN D 188 -11.98 -22.68 21.25
C GLN D 188 -11.49 -21.26 21.48
N SER D 189 -12.17 -20.55 22.39
CA SER D 189 -11.70 -19.22 22.79
C SER D 189 -10.31 -19.30 23.42
N SER D 190 -10.11 -20.27 24.30
CA SER D 190 -8.76 -20.67 24.65
C SER D 190 -8.11 -21.32 23.44
N GLY D 191 -6.80 -21.12 23.29
CA GLY D 191 -6.12 -21.51 22.07
C GLY D 191 -5.95 -23.01 21.91
N LEU D 192 -6.79 -23.78 22.59
CA LEU D 192 -6.72 -25.24 22.61
C LEU D 192 -7.85 -25.83 21.79
N TYR D 193 -7.60 -27.02 21.24
CA TYR D 193 -8.57 -27.70 20.40
C TYR D 193 -9.43 -28.65 21.24
N SER D 194 -10.60 -28.98 20.69
CA SER D 194 -11.52 -29.91 21.33
C SER D 194 -12.14 -30.81 20.26
N LEU D 195 -12.27 -32.09 20.59
CA LEU D 195 -12.74 -33.09 19.65
C LEU D 195 -13.97 -33.80 20.23
N SER D 196 -14.45 -34.80 19.49
CA SER D 196 -15.52 -35.69 19.92
C SER D 196 -15.57 -36.88 18.98
N SER D 197 -15.71 -38.08 19.55
CA SER D 197 -15.73 -39.31 18.78
C SER D 197 -16.79 -40.23 19.37
N VAL D 198 -17.83 -40.50 18.59
CA VAL D 198 -18.98 -41.29 19.05
C VAL D 198 -19.07 -42.56 18.21
N VAL D 199 -19.87 -43.50 18.69
CA VAL D 199 -20.10 -44.76 17.99
C VAL D 199 -21.44 -45.32 18.45
N THR D 200 -22.12 -46.01 17.54
CA THR D 200 -23.38 -46.66 17.83
C THR D 200 -23.19 -48.17 17.85
N VAL D 201 -23.69 -48.82 18.89
CA VAL D 201 -23.57 -50.26 19.07
C VAL D 201 -24.95 -50.80 19.45
N PRO D 202 -25.16 -52.12 19.52
CA PRO D 202 -26.43 -52.62 20.06
C PRO D 202 -26.64 -52.14 21.49
N SER D 203 -27.89 -51.78 21.80
CA SER D 203 -28.23 -51.26 23.13
C SER D 203 -28.42 -52.37 24.15
N SER D 204 -28.02 -53.60 23.83
CA SER D 204 -28.03 -54.71 24.78
C SER D 204 -26.63 -55.10 25.23
N SER D 205 -25.63 -54.89 24.38
CA SER D 205 -24.23 -55.27 24.60
C SER D 205 -23.50 -54.32 25.54
N LEU D 206 -24.20 -53.43 26.24
CA LEU D 206 -23.54 -52.47 27.11
C LEU D 206 -22.84 -53.14 28.29
N GLY D 207 -23.28 -54.33 28.68
CA GLY D 207 -22.62 -55.08 29.73
C GLY D 207 -21.74 -56.20 29.22
N THR D 208 -21.38 -56.14 27.95
CA THR D 208 -20.62 -57.22 27.32
C THR D 208 -19.28 -56.78 26.73
N GLN D 209 -19.22 -55.61 26.09
CA GLN D 209 -18.01 -55.15 25.43
C GLN D 209 -17.31 -54.00 26.15
N THR D 210 -18.08 -53.08 26.74
CA THR D 210 -17.63 -52.06 27.68
C THR D 210 -16.84 -50.92 27.03
N TYR D 211 -16.46 -51.07 25.75
CA TYR D 211 -16.21 -49.96 24.83
C TYR D 211 -15.24 -48.91 25.38
N ILE D 212 -13.97 -49.32 25.52
CA ILE D 212 -12.90 -48.40 25.94
C ILE D 212 -12.48 -47.54 24.76
N CYS D 213 -11.94 -46.35 25.06
CA CYS D 213 -11.44 -45.42 24.05
C CYS D 213 -9.93 -45.55 23.88
N ASN D 214 -9.41 -44.84 22.87
CA ASN D 214 -7.97 -44.75 22.64
C ASN D 214 -7.68 -43.38 22.03
N VAL D 215 -7.02 -42.51 22.78
CA VAL D 215 -6.70 -41.15 22.33
C VAL D 215 -5.19 -41.00 22.28
N ASN D 216 -4.69 -40.53 21.14
CA ASN D 216 -3.26 -40.35 20.92
C ASN D 216 -3.00 -38.91 20.51
N HIS D 217 -2.15 -38.22 21.27
CA HIS D 217 -1.70 -36.87 20.96
C HIS D 217 -0.17 -36.89 20.91
N LYS D 218 0.38 -37.05 19.71
CA LYS D 218 1.82 -37.16 19.49
C LYS D 218 2.61 -35.90 19.85
N PRO D 219 2.13 -34.68 19.56
CA PRO D 219 2.92 -33.50 19.95
C PRO D 219 3.22 -33.41 21.44
N SER D 220 2.38 -34.01 22.28
CA SER D 220 2.64 -34.04 23.72
C SER D 220 3.04 -35.42 24.22
N ASN D 221 3.12 -36.42 23.35
CA ASN D 221 3.50 -37.79 23.71
C ASN D 221 2.59 -38.34 24.82
N THR D 222 1.28 -38.27 24.59
CA THR D 222 0.29 -38.70 25.58
C THR D 222 -0.65 -39.73 24.98
N LYS D 223 -1.04 -40.70 25.80
CA LYS D 223 -2.05 -41.68 25.47
C LYS D 223 -3.04 -41.77 26.61
N VAL D 224 -4.33 -41.66 26.32
CA VAL D 224 -5.39 -41.66 27.33
C VAL D 224 -6.43 -42.70 26.94
N ASP D 225 -6.76 -43.58 27.89
CA ASP D 225 -7.86 -44.55 27.73
C ASP D 225 -8.86 -44.28 28.85
N LYS D 226 -9.95 -43.61 28.52
CA LYS D 226 -10.97 -43.24 29.50
C LYS D 226 -12.18 -44.15 29.34
N LYS D 227 -12.65 -44.71 30.47
CA LYS D 227 -13.72 -45.69 30.43
C LYS D 227 -15.07 -45.04 30.10
N VAL D 228 -15.85 -45.73 29.28
CA VAL D 228 -17.21 -45.33 28.96
C VAL D 228 -18.15 -46.38 29.54
N GLU D 229 -18.83 -46.03 30.62
CA GLU D 229 -19.76 -46.94 31.28
C GLU D 229 -21.09 -46.24 31.52
N PRO D 230 -22.19 -46.99 31.51
CA PRO D 230 -23.48 -46.38 31.85
C PRO D 230 -23.45 -45.84 33.27
N LYS D 231 -23.83 -44.57 33.42
CA LYS D 231 -23.62 -43.84 34.66
C LYS D 231 -24.90 -43.19 35.17
N SER D 232 -26.06 -43.78 34.86
CA SER D 232 -27.29 -43.32 35.50
C SER D 232 -27.30 -43.64 37.00
N CYS D 233 -26.40 -44.53 37.44
CA CYS D 233 -26.21 -45.02 38.80
C CYS D 233 -25.55 -46.38 38.64
N ASP D 234 -26.27 -47.29 37.99
CA ASP D 234 -25.72 -48.53 37.45
C ASP D 234 -26.69 -48.95 36.35
N LYS D 235 -26.36 -48.60 35.11
CA LYS D 235 -27.28 -48.84 33.99
C LYS D 235 -26.66 -49.80 32.98
N GLU F 1 24.87 24.52 5.37
CA GLU F 1 23.71 23.79 5.88
C GLU F 1 23.32 24.27 7.27
N ILE F 2 24.17 25.10 7.86
CA ILE F 2 23.99 25.47 9.27
C ILE F 2 23.02 26.63 9.42
N SER F 3 23.09 27.63 8.54
CA SER F 3 22.35 28.86 8.74
C SER F 3 20.85 28.59 8.78
N GLU F 4 20.18 29.18 9.77
CA GLU F 4 18.76 28.98 9.99
C GLU F 4 17.95 29.35 8.76
N VAL F 5 17.31 28.36 8.15
CA VAL F 5 16.47 28.59 6.97
C VAL F 5 15.09 29.03 7.44
N GLN F 6 14.65 30.19 6.95
CA GLN F 6 13.39 30.77 7.40
C GLN F 6 12.72 31.46 6.22
N LEU F 7 11.41 31.28 6.12
CA LEU F 7 10.59 31.94 5.11
C LEU F 7 9.52 32.77 5.80
N VAL F 8 9.39 34.04 5.40
CA VAL F 8 8.45 34.96 6.01
C VAL F 8 7.53 35.50 4.91
N GLU F 9 6.23 35.34 5.11
CA GLU F 9 5.23 35.87 4.19
C GLU F 9 4.69 37.21 4.70
N SER F 10 4.35 38.08 3.76
CA SER F 10 3.79 39.39 4.10
C SER F 10 2.94 39.86 2.93
N GLY F 11 2.16 40.91 3.19
CA GLY F 11 1.30 41.49 2.17
C GLY F 11 -0.10 40.93 2.12
N GLY F 12 -0.41 39.90 2.91
CA GLY F 12 -1.76 39.37 2.93
C GLY F 12 -2.73 40.32 3.60
N GLY F 13 -4.01 40.13 3.31
CA GLY F 13 -5.02 40.99 3.88
C GLY F 13 -6.32 40.93 3.08
N LEU F 14 -7.04 42.04 3.10
CA LEU F 14 -8.38 42.14 2.51
C LEU F 14 -8.28 42.76 1.13
N VAL F 15 -8.93 42.12 0.15
CA VAL F 15 -8.94 42.60 -1.23
C VAL F 15 -10.33 42.40 -1.81
N GLN F 16 -10.77 43.36 -2.63
CA GLN F 16 -12.07 43.28 -3.28
C GLN F 16 -12.03 42.27 -4.42
N PRO F 17 -13.17 41.63 -4.72
CA PRO F 17 -13.21 40.74 -5.89
C PRO F 17 -12.85 41.47 -7.16
N GLY F 18 -12.02 40.84 -7.98
CA GLY F 18 -11.51 41.45 -9.18
C GLY F 18 -10.28 42.32 -9.00
N GLY F 19 -9.85 42.55 -7.76
CA GLY F 19 -8.66 43.33 -7.50
C GLY F 19 -7.40 42.49 -7.55
N SER F 20 -6.28 43.16 -7.27
CA SER F 20 -4.97 42.51 -7.31
C SER F 20 -4.28 42.66 -5.96
N LEU F 21 -3.66 41.57 -5.51
CA LEU F 21 -2.91 41.56 -4.26
C LEU F 21 -1.58 40.84 -4.50
N ARG F 22 -0.51 41.39 -3.93
CA ARG F 22 0.83 40.86 -4.12
C ARG F 22 1.38 40.34 -2.80
N LEU F 23 1.84 39.10 -2.80
CA LEU F 23 2.43 38.48 -1.62
C LEU F 23 3.94 38.47 -1.75
N SER F 24 4.62 38.64 -0.62
CA SER F 24 6.08 38.62 -0.56
C SER F 24 6.53 37.46 0.32
N CYS F 25 7.62 36.81 -0.09
CA CYS F 25 8.18 35.66 0.63
C CYS F 25 9.66 35.94 0.88
N ALA F 26 9.96 36.59 2.00
CA ALA F 26 11.35 36.87 2.34
C ALA F 26 12.05 35.59 2.76
N ALA F 27 13.21 35.33 2.16
CA ALA F 27 13.96 34.11 2.39
C ALA F 27 15.30 34.42 3.05
N SER F 28 15.67 33.61 4.02
CA SER F 28 16.95 33.72 4.69
C SER F 28 17.52 32.33 4.93
N GLY F 29 18.85 32.24 4.99
CA GLY F 29 19.52 30.98 5.24
C GLY F 29 19.85 30.16 4.01
N PHE F 30 19.54 30.64 2.82
CA PHE F 30 19.88 29.93 1.59
C PHE F 30 19.84 30.91 0.42
N ASN F 31 20.42 30.50 -0.70
CA ASN F 31 20.45 31.29 -1.91
C ASN F 31 19.17 31.00 -2.70
N ILE F 32 18.27 32.00 -2.76
CA ILE F 32 16.98 31.80 -3.41
C ILE F 32 17.13 31.60 -4.91
N TYR F 33 18.26 32.01 -5.50
CA TYR F 33 18.42 31.90 -6.94
C TYR F 33 18.55 30.44 -7.38
N TYR F 34 19.21 29.61 -6.57
CA TYR F 34 19.52 28.24 -6.94
C TYR F 34 18.57 27.21 -6.34
N TYR F 35 17.45 27.66 -5.78
CA TYR F 35 16.41 26.77 -5.28
C TYR F 35 15.14 26.97 -6.10
N SER F 36 14.08 26.29 -5.69
CA SER F 36 12.74 26.50 -6.25
C SER F 36 11.81 26.87 -5.11
N ILE F 37 11.07 27.98 -5.29
CA ILE F 37 10.16 28.50 -4.29
C ILE F 37 8.73 28.23 -4.75
N HIS F 38 7.95 27.59 -3.90
CA HIS F 38 6.59 27.19 -4.24
C HIS F 38 5.60 27.89 -3.34
N TRP F 39 4.46 28.29 -3.91
CA TRP F 39 3.35 28.86 -3.15
C TRP F 39 2.25 27.82 -3.02
N VAL F 40 1.80 27.59 -1.79
CA VAL F 40 0.74 26.64 -1.49
C VAL F 40 -0.33 27.36 -0.67
N ARG F 41 -1.59 27.20 -1.07
CA ARG F 41 -2.71 27.81 -0.36
C ARG F 41 -3.63 26.73 0.18
N GLN F 42 -4.41 27.10 1.21
CA GLN F 42 -5.31 26.17 1.87
C GLN F 42 -6.58 26.92 2.24
N ALA F 43 -7.68 26.59 1.56
CA ALA F 43 -8.96 27.22 1.87
C ALA F 43 -9.45 26.78 3.24
N PRO F 44 -10.28 27.60 3.90
CA PRO F 44 -10.80 27.22 5.23
C PRO F 44 -11.57 25.90 5.17
N GLY F 45 -11.08 24.93 5.93
CA GLY F 45 -11.69 23.62 5.98
C GLY F 45 -11.36 22.71 4.81
N LYS F 46 -10.50 23.13 3.90
CA LYS F 46 -10.12 22.35 2.73
C LYS F 46 -8.65 21.93 2.82
N GLY F 47 -8.25 21.09 1.86
CA GLY F 47 -6.90 20.57 1.83
C GLY F 47 -5.93 21.50 1.15
N LEU F 48 -4.69 21.03 1.04
CA LEU F 48 -3.63 21.81 0.42
C LEU F 48 -3.83 21.87 -1.09
N GLU F 49 -3.53 23.03 -1.67
CA GLU F 49 -3.60 23.22 -3.12
C GLU F 49 -2.35 23.96 -3.57
N TRP F 50 -1.53 23.30 -4.40
CA TRP F 50 -0.36 23.94 -4.97
C TRP F 50 -0.79 25.04 -5.94
N VAL F 51 -0.07 26.16 -5.90
CA VAL F 51 -0.42 27.36 -6.66
C VAL F 51 0.60 27.65 -7.76
N ALA F 52 1.85 27.91 -7.38
CA ALA F 52 2.86 28.28 -8.36
C ALA F 52 4.24 27.99 -7.80
N SER F 53 5.22 27.98 -8.70
CA SER F 53 6.62 27.78 -8.33
C SER F 53 7.51 28.52 -9.31
N ILE F 54 8.72 28.84 -8.86
CA ILE F 54 9.71 29.50 -9.69
C ILE F 54 11.08 28.88 -9.40
N SER F 55 11.87 28.67 -10.46
CA SER F 55 13.23 28.16 -10.36
C SER F 55 14.13 29.15 -11.10
N PRO F 56 14.63 30.18 -10.41
CA PRO F 56 15.34 31.27 -11.12
C PRO F 56 16.56 30.83 -11.90
N SER F 57 17.28 29.80 -11.44
CA SER F 57 18.49 29.39 -12.15
C SER F 57 18.17 28.90 -13.55
N TYR F 58 17.09 28.14 -13.71
CA TYR F 58 16.66 27.66 -15.01
C TYR F 58 15.58 28.52 -15.64
N GLY F 59 15.16 29.59 -14.97
CA GLY F 59 14.10 30.43 -15.50
C GLY F 59 12.79 29.72 -15.72
N TYR F 60 12.50 28.71 -14.90
CA TYR F 60 11.31 27.88 -15.08
C TYR F 60 10.23 28.31 -14.09
N THR F 61 9.01 28.50 -14.59
CA THR F 61 7.86 28.85 -13.77
C THR F 61 6.71 27.91 -14.11
N SER F 62 5.88 27.63 -13.11
CA SER F 62 4.72 26.77 -13.28
C SER F 62 3.57 27.31 -12.44
N TYR F 63 2.35 27.15 -12.96
CA TYR F 63 1.15 27.62 -12.29
C TYR F 63 0.10 26.53 -12.31
N ALA F 64 -0.76 26.53 -11.30
CA ALA F 64 -1.92 25.64 -11.30
C ALA F 64 -2.96 26.11 -12.31
N ASP F 65 -3.75 25.17 -12.81
CA ASP F 65 -4.74 25.51 -13.84
C ASP F 65 -5.79 26.48 -13.30
N SER F 66 -6.21 26.30 -12.05
CA SER F 66 -7.23 27.17 -11.48
C SER F 66 -6.75 28.61 -11.35
N VAL F 67 -5.44 28.85 -11.34
CA VAL F 67 -4.88 30.18 -11.23
C VAL F 67 -4.02 30.55 -12.42
N LYS F 68 -3.91 29.67 -13.43
CA LYS F 68 -3.08 29.96 -14.60
C LYS F 68 -3.60 31.19 -15.34
N GLY F 69 -2.69 32.09 -15.68
CA GLY F 69 -3.01 33.31 -16.39
C GLY F 69 -3.31 34.51 -15.49
N ARG F 70 -3.88 34.27 -14.31
CA ARG F 70 -4.20 35.34 -13.38
C ARG F 70 -3.03 35.68 -12.47
N PHE F 71 -2.42 34.66 -11.88
CA PHE F 71 -1.30 34.84 -10.96
C PHE F 71 0.00 34.96 -11.73
N THR F 72 0.99 35.59 -11.08
CA THR F 72 2.32 35.75 -11.66
C THR F 72 3.34 35.65 -10.54
N ILE F 73 4.28 34.73 -10.68
CA ILE F 73 5.32 34.50 -9.67
C ILE F 73 6.63 35.08 -10.19
N SER F 74 7.33 35.80 -9.32
CA SER F 74 8.60 36.41 -9.69
C SER F 74 9.52 36.38 -8.48
N ALA F 75 10.80 36.65 -8.73
CA ALA F 75 11.82 36.65 -7.67
C ALA F 75 12.74 37.84 -7.84
N ASP F 76 13.11 38.45 -6.71
CA ASP F 76 14.07 39.54 -6.66
C ASP F 76 15.26 39.01 -5.86
N THR F 77 16.24 38.45 -6.57
CA THR F 77 17.38 37.82 -5.90
C THR F 77 18.22 38.84 -5.13
N SER F 78 18.18 40.11 -5.53
CA SER F 78 18.92 41.13 -4.79
C SER F 78 18.39 41.27 -3.36
N LYS F 79 17.11 41.00 -3.16
CA LYS F 79 16.51 41.02 -1.83
C LYS F 79 16.26 39.63 -1.27
N ASN F 80 16.61 38.57 -2.02
CA ASN F 80 16.38 37.19 -1.61
C ASN F 80 14.91 36.94 -1.27
N THR F 81 14.02 37.46 -2.13
CA THR F 81 12.59 37.42 -1.88
C THR F 81 11.86 36.93 -3.13
N ALA F 82 10.80 36.16 -2.93
CA ALA F 82 9.93 35.69 -3.99
C ALA F 82 8.58 36.37 -3.88
N TYR F 83 7.96 36.64 -5.03
CA TYR F 83 6.70 37.35 -5.10
C TYR F 83 5.64 36.51 -5.81
N LEU F 84 4.38 36.72 -5.43
CA LEU F 84 3.24 36.13 -6.11
C LEU F 84 2.16 37.21 -6.21
N GLN F 85 2.06 37.84 -7.37
CA GLN F 85 1.02 38.84 -7.61
C GLN F 85 -0.21 38.13 -8.14
N MET F 86 -1.34 38.32 -7.45
CA MET F 86 -2.58 37.64 -7.76
C MET F 86 -3.56 38.65 -8.35
N ASN F 87 -3.98 38.41 -9.58
CA ASN F 87 -4.90 39.29 -10.29
C ASN F 87 -6.24 38.60 -10.49
N SER F 88 -7.29 39.43 -10.66
CA SER F 88 -8.65 38.94 -10.85
C SER F 88 -9.09 38.00 -9.73
N LEU F 89 -8.89 38.46 -8.49
CA LEU F 89 -9.20 37.64 -7.33
C LEU F 89 -10.70 37.36 -7.22
N ARG F 90 -11.02 36.20 -6.68
CA ARG F 90 -12.39 35.74 -6.52
C ARG F 90 -12.57 35.18 -5.11
N ALA F 91 -13.83 34.95 -4.74
CA ALA F 91 -14.12 34.45 -3.40
C ALA F 91 -13.49 33.08 -3.15
N GLU F 92 -13.35 32.26 -4.19
CA GLU F 92 -12.73 30.94 -4.04
C GLU F 92 -11.21 31.03 -3.84
N ASP F 93 -10.62 32.20 -4.04
CA ASP F 93 -9.20 32.40 -3.78
C ASP F 93 -8.90 32.75 -2.34
N THR F 94 -9.93 32.94 -1.50
CA THR F 94 -9.72 33.24 -0.09
C THR F 94 -9.16 32.01 0.61
N ALA F 95 -7.95 32.12 1.13
CA ALA F 95 -7.26 31.00 1.75
C ALA F 95 -6.05 31.53 2.53
N VAL F 96 -5.35 30.62 3.20
CA VAL F 96 -4.08 30.91 3.84
C VAL F 96 -2.98 30.50 2.87
N TYR F 97 -2.09 31.42 2.54
CA TYR F 97 -1.07 31.20 1.52
C TYR F 97 0.29 30.99 2.18
N TYR F 98 0.92 29.87 1.86
CA TYR F 98 2.27 29.56 2.31
C TYR F 98 3.25 29.65 1.13
N CYS F 99 4.49 29.96 1.45
CA CYS F 99 5.59 29.79 0.49
C CYS F 99 6.58 28.80 1.07
N ALA F 100 7.05 27.90 0.22
CA ALA F 100 7.91 26.80 0.65
C ALA F 100 9.14 26.71 -0.25
N ARG F 101 10.14 26.01 0.26
CA ARG F 101 11.40 25.80 -0.45
C ARG F 101 11.60 24.31 -0.71
N TRP F 102 12.26 24.00 -1.82
CA TRP F 102 12.57 22.61 -2.14
C TRP F 102 13.64 22.07 -1.19
N SER F 103 13.63 20.75 -0.99
CA SER F 103 14.54 20.14 -0.04
C SER F 103 16.00 20.34 -0.45
N ARG F 104 16.30 20.17 -1.73
CA ARG F 104 17.65 20.34 -2.24
C ARG F 104 17.65 21.33 -3.40
N TRP F 105 18.77 22.01 -3.58
CA TRP F 105 18.87 23.01 -4.64
C TRP F 105 18.79 22.35 -6.01
N ALA F 106 18.75 23.19 -7.05
CA ALA F 106 18.63 22.71 -8.42
C ALA F 106 20.01 22.28 -8.94
N TYR F 107 20.49 21.18 -8.37
CA TYR F 107 21.77 20.63 -8.80
C TYR F 107 21.72 20.15 -10.24
N SER F 108 20.57 19.65 -10.68
CA SER F 108 20.37 19.23 -12.06
C SER F 108 18.99 19.70 -12.49
N TYR F 109 18.74 19.64 -13.80
CA TYR F 109 17.41 20.01 -14.30
C TYR F 109 16.36 19.02 -13.84
N TRP F 110 16.74 17.75 -13.68
CA TRP F 110 15.86 16.70 -13.18
C TRP F 110 15.61 16.78 -11.68
N SER F 111 16.14 17.80 -11.00
CA SER F 111 16.06 17.84 -9.54
C SER F 111 14.62 17.88 -9.02
N TYR F 112 13.67 18.34 -9.83
CA TYR F 112 12.28 18.35 -9.41
C TYR F 112 11.67 16.96 -9.33
N LYS F 113 12.32 15.95 -9.93
CA LYS F 113 11.81 14.58 -9.91
C LYS F 113 12.10 13.88 -8.59
N SER F 114 12.69 14.56 -7.62
CA SER F 114 12.94 14.01 -6.30
C SER F 114 12.82 15.12 -5.27
N TYR F 115 12.95 14.75 -4.00
CA TYR F 115 12.90 15.67 -2.87
C TYR F 115 11.52 16.31 -2.74
N GLY F 116 11.35 17.18 -1.74
CA GLY F 116 10.06 17.78 -1.48
C GLY F 116 10.16 19.20 -0.95
N MET F 117 9.06 19.70 -0.36
CA MET F 117 9.00 21.06 0.15
C MET F 117 9.58 21.07 1.57
N ASP F 118 10.75 21.69 1.72
CA ASP F 118 11.54 21.55 2.93
C ASP F 118 11.05 22.45 4.05
N TYR F 119 11.10 23.76 3.84
CA TYR F 119 10.77 24.74 4.87
C TYR F 119 9.56 25.56 4.43
N TRP F 120 8.70 25.89 5.39
CA TRP F 120 7.49 26.65 5.13
C TRP F 120 7.48 27.91 5.97
N GLY F 121 6.73 28.90 5.49
CA GLY F 121 6.51 30.11 6.26
C GLY F 121 5.38 29.94 7.26
N GLN F 122 5.11 31.01 8.01
CA GLN F 122 3.97 31.00 8.91
C GLN F 122 2.67 30.87 8.16
N GLY F 123 2.56 31.54 7.02
CA GLY F 123 1.32 31.56 6.26
C GLY F 123 0.53 32.84 6.51
N THR F 124 0.17 33.54 5.45
CA THR F 124 -0.58 34.77 5.55
C THR F 124 -1.97 34.57 4.97
N LEU F 125 -2.94 35.31 5.52
CA LEU F 125 -4.34 35.16 5.16
C LEU F 125 -4.72 36.19 4.11
N VAL F 126 -5.32 35.72 3.02
CA VAL F 126 -5.87 36.59 1.98
C VAL F 126 -7.37 36.35 1.93
N THR F 127 -8.15 37.41 2.11
CA THR F 127 -9.60 37.33 2.12
C THR F 127 -10.14 38.19 0.98
N VAL F 128 -10.88 37.57 0.07
CA VAL F 128 -11.49 38.26 -1.06
C VAL F 128 -12.97 38.36 -0.77
N SER F 129 -13.45 39.59 -0.58
CA SER F 129 -14.85 39.83 -0.23
C SER F 129 -15.17 41.29 -0.41
N SER F 130 -16.39 41.57 -0.85
CA SER F 130 -16.89 42.95 -0.95
C SER F 130 -17.33 43.51 0.39
N ALA F 131 -17.48 42.67 1.41
CA ALA F 131 -17.95 43.12 2.71
C ALA F 131 -16.89 43.97 3.41
N SER F 132 -17.35 44.87 4.26
CA SER F 132 -16.49 45.74 5.04
C SER F 132 -16.48 45.30 6.50
N THR F 133 -15.61 45.93 7.28
CA THR F 133 -15.45 45.57 8.68
C THR F 133 -16.72 45.84 9.47
N LYS F 134 -17.09 44.89 10.33
CA LYS F 134 -18.29 45.02 11.16
C LYS F 134 -18.07 44.28 12.47
N GLY F 135 -18.95 44.55 13.43
CA GLY F 135 -18.85 43.96 14.74
C GLY F 135 -19.92 42.91 15.01
N PRO F 136 -19.72 42.09 16.04
CA PRO F 136 -20.67 41.03 16.35
C PRO F 136 -22.01 41.56 16.81
N SER F 137 -23.04 40.74 16.61
CA SER F 137 -24.43 41.02 17.00
C SER F 137 -24.97 39.88 17.86
N VAL F 138 -24.21 39.53 18.91
CA VAL F 138 -24.43 38.33 19.70
C VAL F 138 -25.88 38.21 20.16
N PHE F 139 -26.37 36.97 20.28
CA PHE F 139 -27.76 36.76 20.65
C PHE F 139 -27.86 36.01 22.00
N PRO F 140 -28.25 34.72 22.08
CA PRO F 140 -28.78 34.22 23.35
C PRO F 140 -27.74 33.59 24.28
N LEU F 141 -28.18 33.41 25.52
CA LEU F 141 -27.68 32.39 26.42
C LEU F 141 -28.86 31.58 26.94
N ALA F 142 -29.82 31.34 26.05
CA ALA F 142 -31.12 30.81 26.43
C ALA F 142 -31.03 29.31 26.69
N PRO F 143 -31.38 28.85 27.88
CA PRO F 143 -31.43 27.40 28.13
C PRO F 143 -32.70 26.78 27.57
N SER F 144 -32.91 25.50 27.84
CA SER F 144 -34.10 24.81 27.38
C SER F 144 -35.28 25.14 28.29
N SER F 145 -36.42 25.49 27.69
CA SER F 145 -37.62 25.73 28.47
C SER F 145 -38.07 24.45 29.17
N LYS F 146 -38.11 23.34 28.44
CA LYS F 146 -38.40 22.03 29.01
C LYS F 146 -37.08 21.39 29.42
N SER F 147 -36.58 21.81 30.58
CA SER F 147 -35.30 21.32 31.08
C SER F 147 -35.52 19.98 31.78
N THR F 148 -34.48 19.50 32.46
CA THR F 148 -34.52 18.22 33.17
C THR F 148 -34.24 18.45 34.66
N SER F 149 -34.16 17.36 35.40
CA SER F 149 -33.92 17.39 36.85
C SER F 149 -32.48 16.97 37.11
N GLY F 150 -31.56 17.94 37.00
CA GLY F 150 -30.18 17.73 37.38
C GLY F 150 -29.33 16.94 36.42
N GLY F 151 -29.91 16.38 35.36
CA GLY F 151 -29.17 15.59 34.40
C GLY F 151 -28.12 16.40 33.65
N THR F 152 -28.57 17.29 32.77
CA THR F 152 -27.68 18.21 32.06
C THR F 152 -28.48 19.33 31.42
N ALA F 153 -27.99 20.57 31.53
CA ALA F 153 -28.61 21.73 30.89
C ALA F 153 -27.59 22.40 29.97
N ALA F 154 -28.08 22.89 28.84
CA ALA F 154 -27.24 23.46 27.79
C ALA F 154 -27.48 24.95 27.68
N LEU F 155 -26.39 25.72 27.74
CA LEU F 155 -26.42 27.15 27.53
C LEU F 155 -26.09 27.46 26.07
N GLY F 156 -25.80 28.72 25.77
CA GLY F 156 -25.40 29.10 24.44
C GLY F 156 -24.87 30.52 24.41
N CYS F 157 -24.15 30.83 23.33
CA CYS F 157 -23.77 32.21 23.04
C CYS F 157 -23.53 32.29 21.53
N LEU F 158 -24.54 32.78 20.80
CA LEU F 158 -24.46 32.88 19.35
C LEU F 158 -23.86 34.23 18.98
N VAL F 159 -22.71 34.20 18.31
CA VAL F 159 -22.01 35.40 17.86
C VAL F 159 -22.22 35.49 16.35
N LYS F 160 -22.96 36.50 15.90
CA LYS F 160 -23.45 36.54 14.53
C LYS F 160 -23.06 37.85 13.85
N ASP F 161 -22.87 37.75 12.53
CA ASP F 161 -22.75 38.91 11.63
C ASP F 161 -21.57 39.80 12.02
N TYR F 162 -20.38 39.22 11.89
CA TYR F 162 -19.13 39.96 12.02
C TYR F 162 -18.28 39.73 10.78
N PHE F 163 -17.39 40.69 10.50
CA PHE F 163 -16.46 40.56 9.40
C PHE F 163 -15.23 41.40 9.69
N PRO F 164 -14.02 40.83 9.61
CA PRO F 164 -13.73 39.41 9.34
C PRO F 164 -13.25 38.69 10.61
N GLU F 165 -12.93 37.41 10.50
CA GLU F 165 -12.34 36.68 11.61
C GLU F 165 -10.94 37.21 11.90
N PRO F 166 -10.41 36.98 13.12
CA PRO F 166 -10.84 36.10 14.20
C PRO F 166 -11.83 36.70 15.20
N VAL F 167 -12.42 35.85 16.03
CA VAL F 167 -13.39 36.25 17.05
C VAL F 167 -13.03 35.67 18.41
N THR F 168 -11.74 35.54 18.70
CA THR F 168 -11.26 34.83 19.89
C THR F 168 -12.15 35.08 21.09
N VAL F 169 -12.73 34.00 21.63
CA VAL F 169 -13.89 34.09 22.49
C VAL F 169 -13.71 33.19 23.72
N SER F 170 -14.46 33.54 24.76
CA SER F 170 -14.57 32.74 25.97
C SER F 170 -15.94 33.03 26.58
N TRP F 171 -16.10 32.71 27.86
CA TRP F 171 -17.30 33.01 28.62
C TRP F 171 -16.94 33.95 29.77
N ASN F 172 -17.89 34.16 30.69
CA ASN F 172 -17.77 35.14 31.77
C ASN F 172 -16.34 35.34 32.28
N SER F 173 -15.68 34.27 32.68
CA SER F 173 -14.37 34.39 33.30
C SER F 173 -13.25 34.35 32.25
N GLY F 174 -12.01 34.38 32.73
CA GLY F 174 -10.87 34.31 31.84
C GLY F 174 -10.48 32.89 31.51
N ALA F 175 -10.95 31.93 32.31
CA ALA F 175 -10.66 30.51 32.09
C ALA F 175 -11.77 29.69 32.74
N LEU F 176 -12.70 29.21 31.93
CA LEU F 176 -13.83 28.40 32.35
C LEU F 176 -13.99 27.20 31.42
N THR F 177 -12.90 26.48 31.20
CA THR F 177 -12.81 25.44 30.18
C THR F 177 -13.84 24.32 30.33
N SER F 178 -14.58 24.29 31.44
CA SER F 178 -15.46 23.16 31.75
C SER F 178 -16.45 22.86 30.61
N GLY F 179 -16.25 21.73 29.93
CA GLY F 179 -17.09 21.31 28.82
C GLY F 179 -17.46 22.40 27.83
N VAL F 180 -16.50 23.26 27.49
CA VAL F 180 -16.76 24.41 26.63
C VAL F 180 -16.34 24.07 25.21
N HIS F 181 -17.10 24.59 24.24
CA HIS F 181 -16.83 24.36 22.83
C HIS F 181 -17.00 25.67 22.07
N THR F 182 -16.11 25.90 21.11
CA THR F 182 -16.16 27.09 20.25
C THR F 182 -16.14 26.62 18.80
N PHE F 183 -17.30 26.64 18.16
CA PHE F 183 -17.43 26.12 16.81
C PHE F 183 -16.69 27.00 15.81
N PRO F 184 -16.24 26.44 14.70
CA PRO F 184 -15.61 27.26 13.66
C PRO F 184 -16.61 28.20 13.03
N ALA F 185 -16.10 29.33 12.54
CA ALA F 185 -16.94 30.31 11.87
C ALA F 185 -17.49 29.75 10.56
N VAL F 186 -18.65 30.25 10.16
CA VAL F 186 -19.29 29.86 8.91
C VAL F 186 -19.54 31.12 8.09
N LEU F 187 -19.33 31.00 6.78
CA LEU F 187 -19.49 32.13 5.86
C LEU F 187 -20.92 32.14 5.32
N GLN F 188 -21.68 33.17 5.66
CA GLN F 188 -23.05 33.29 5.23
C GLN F 188 -23.12 33.98 3.86
N SER F 189 -24.30 33.86 3.22
CA SER F 189 -24.49 34.45 1.90
C SER F 189 -24.37 35.97 1.92
N SER F 190 -24.62 36.60 3.07
CA SER F 190 -24.47 38.04 3.20
C SER F 190 -23.01 38.50 3.18
N GLY F 191 -22.06 37.56 3.24
CA GLY F 191 -20.66 37.90 3.31
C GLY F 191 -20.10 38.04 4.70
N LEU F 192 -20.94 37.91 5.73
CA LEU F 192 -20.52 38.03 7.11
C LEU F 192 -20.41 36.65 7.75
N TYR F 193 -19.67 36.58 8.85
CA TYR F 193 -19.43 35.33 9.56
C TYR F 193 -20.31 35.26 10.80
N SER F 194 -20.84 34.08 11.07
CA SER F 194 -21.58 33.79 12.29
C SER F 194 -20.92 32.63 13.02
N LEU F 195 -21.05 32.63 14.34
CA LEU F 195 -20.36 31.66 15.17
C LEU F 195 -21.19 31.38 16.42
N SER F 196 -20.99 30.20 17.00
CA SER F 196 -21.70 29.78 18.19
C SER F 196 -20.72 29.20 19.21
N SER F 197 -21.05 29.36 20.49
CA SER F 197 -20.24 28.83 21.58
C SER F 197 -21.18 28.36 22.69
N VAL F 198 -20.92 27.16 23.21
CA VAL F 198 -21.77 26.56 24.24
C VAL F 198 -20.88 26.08 25.39
N VAL F 199 -21.54 25.62 26.45
CA VAL F 199 -20.85 25.14 27.65
C VAL F 199 -21.75 24.12 28.33
N THR F 200 -21.16 23.34 29.24
CA THR F 200 -21.92 22.38 30.02
C THR F 200 -22.39 23.02 31.32
N VAL F 201 -23.63 22.72 31.69
CA VAL F 201 -24.24 23.31 32.89
C VAL F 201 -25.00 22.22 33.64
N PRO F 202 -24.81 22.09 34.95
CA PRO F 202 -25.63 21.15 35.74
C PRO F 202 -27.08 21.64 35.80
N SER F 203 -28.00 20.78 35.37
CA SER F 203 -29.41 21.15 35.31
C SER F 203 -30.00 21.43 36.68
N SER F 204 -29.40 20.92 37.74
CA SER F 204 -29.91 21.17 39.09
C SER F 204 -29.40 22.49 39.63
N SER F 205 -28.08 22.68 39.66
CA SER F 205 -27.47 23.89 40.19
C SER F 205 -27.36 24.92 39.07
N LEU F 206 -28.41 25.73 38.93
CA LEU F 206 -28.41 26.83 37.98
C LEU F 206 -28.87 28.14 38.59
N GLY F 207 -29.25 28.15 39.88
CA GLY F 207 -29.66 29.39 40.50
C GLY F 207 -28.51 30.36 40.67
N THR F 208 -27.41 29.90 41.27
CA THR F 208 -26.22 30.74 41.40
C THR F 208 -25.67 31.08 40.03
N GLN F 209 -25.18 30.06 39.33
CA GLN F 209 -24.73 30.13 37.93
C GLN F 209 -23.82 31.36 37.73
N THR F 210 -23.91 31.94 36.53
CA THR F 210 -23.16 33.11 36.07
C THR F 210 -23.35 33.21 34.56
N TYR F 211 -22.37 32.67 33.82
CA TYR F 211 -22.53 32.35 32.40
C TYR F 211 -22.91 33.56 31.55
N ILE F 212 -22.18 34.65 31.74
CA ILE F 212 -22.23 35.74 30.77
C ILE F 212 -21.19 35.45 29.70
N CYS F 213 -21.39 36.03 28.52
CA CYS F 213 -20.50 35.73 27.41
C CYS F 213 -19.38 36.75 27.33
N ASN F 214 -18.33 36.39 26.58
CA ASN F 214 -17.11 37.19 26.47
C ASN F 214 -16.72 37.37 25.01
N VAL F 215 -17.68 37.79 24.19
CA VAL F 215 -17.43 37.96 22.77
C VAL F 215 -16.40 39.08 22.56
N ASN F 216 -15.38 38.78 21.76
CA ASN F 216 -14.32 39.73 21.46
C ASN F 216 -14.06 39.74 19.96
N HIS F 217 -14.01 40.94 19.38
CA HIS F 217 -13.70 41.13 17.97
C HIS F 217 -12.51 42.08 17.90
N LYS F 218 -11.38 41.59 17.40
CA LYS F 218 -10.13 42.33 17.49
C LYS F 218 -10.16 43.59 16.63
N PRO F 219 -10.29 43.50 15.26
CA PRO F 219 -10.29 44.72 14.43
C PRO F 219 -11.67 45.34 14.30
N SER F 220 -12.45 45.27 15.39
CA SER F 220 -13.77 45.91 15.40
C SER F 220 -13.98 46.73 16.67
N ASN F 221 -13.27 46.39 17.74
CA ASN F 221 -13.46 47.00 19.06
C ASN F 221 -14.93 46.96 19.48
N THR F 222 -15.50 45.75 19.49
CA THR F 222 -16.92 45.55 19.76
C THR F 222 -17.14 44.44 20.77
N LYS F 223 -16.42 44.48 21.89
CA LYS F 223 -16.63 43.51 22.97
C LYS F 223 -18.04 43.62 23.54
N VAL F 224 -18.86 42.59 23.34
CA VAL F 224 -20.22 42.55 23.82
C VAL F 224 -20.37 41.35 24.75
N ASP F 225 -20.92 41.58 25.94
CA ASP F 225 -21.03 40.56 26.97
C ASP F 225 -22.51 40.37 27.31
N LYS F 226 -23.10 39.28 26.82
CA LYS F 226 -24.49 38.93 27.03
C LYS F 226 -24.61 37.93 28.19
N LYS F 227 -25.77 37.92 28.85
CA LYS F 227 -25.97 37.18 30.08
C LYS F 227 -26.91 36.00 29.88
N VAL F 228 -26.93 35.11 30.88
CA VAL F 228 -27.67 33.86 30.81
C VAL F 228 -28.83 33.90 31.80
N GLU F 229 -30.02 33.56 31.33
CA GLU F 229 -31.22 33.42 32.15
C GLU F 229 -32.33 32.75 31.32
N PRO F 230 -33.05 31.79 31.89
CA PRO F 230 -34.20 31.23 31.18
C PRO F 230 -35.29 32.26 30.96
N LYS F 231 -35.98 32.14 29.84
CA LYS F 231 -37.02 33.09 29.48
C LYS F 231 -38.27 32.86 30.30
N SER F 232 -39.21 33.81 30.22
CA SER F 232 -40.41 33.79 31.04
C SER F 232 -41.70 33.68 30.24
N CYS F 233 -41.74 34.17 29.01
CA CYS F 233 -42.96 34.20 28.20
C CYS F 233 -44.09 34.95 28.90
N SER G 1 -3.02 -9.77 -5.40
CA SER G 1 -3.99 -10.78 -5.80
C SER G 1 -5.33 -10.14 -6.15
N ASP G 2 -5.29 -9.12 -7.00
CA ASP G 2 -6.47 -8.31 -7.26
C ASP G 2 -7.47 -8.96 -8.22
N ILE G 3 -7.10 -10.06 -8.87
CA ILE G 3 -8.01 -10.77 -9.76
C ILE G 3 -8.64 -11.92 -8.98
N GLN G 4 -9.97 -11.93 -8.91
CA GLN G 4 -10.70 -12.89 -8.11
C GLN G 4 -11.42 -13.89 -9.00
N MET G 5 -11.51 -15.13 -8.53
CA MET G 5 -12.25 -16.20 -9.21
C MET G 5 -13.44 -16.56 -8.33
N THR G 6 -14.65 -16.26 -8.82
CA THR G 6 -15.88 -16.55 -8.09
C THR G 6 -16.40 -17.90 -8.57
N GLN G 7 -16.36 -18.90 -7.68
CA GLN G 7 -16.74 -20.26 -8.02
C GLN G 7 -18.12 -20.57 -7.45
N SER G 8 -18.99 -21.10 -8.29
CA SER G 8 -20.33 -21.51 -7.89
C SER G 8 -20.69 -22.81 -8.61
N PRO G 9 -21.51 -23.67 -7.97
CA PRO G 9 -22.03 -23.56 -6.61
C PRO G 9 -20.99 -23.97 -5.58
N SER G 10 -21.15 -23.61 -4.31
CA SER G 10 -20.21 -24.05 -3.29
C SER G 10 -20.32 -25.54 -3.03
N SER G 11 -21.51 -26.11 -3.21
CA SER G 11 -21.72 -27.53 -3.01
C SER G 11 -22.83 -28.01 -3.94
N LEU G 12 -22.70 -29.24 -4.43
CA LEU G 12 -23.73 -29.85 -5.25
C LEU G 12 -23.76 -31.35 -4.96
N SER G 13 -24.94 -31.95 -5.14
CA SER G 13 -25.14 -33.38 -4.92
C SER G 13 -25.67 -34.00 -6.20
N ALA G 14 -25.09 -35.15 -6.58
CA ALA G 14 -25.48 -35.84 -7.80
C ALA G 14 -25.22 -37.33 -7.61
N SER G 15 -25.60 -38.12 -8.61
CA SER G 15 -25.46 -39.56 -8.59
C SER G 15 -24.51 -40.02 -9.68
N VAL G 16 -24.09 -41.28 -9.57
CA VAL G 16 -23.22 -41.86 -10.59
C VAL G 16 -23.93 -41.85 -11.93
N GLY G 17 -23.23 -41.41 -12.97
CA GLY G 17 -23.79 -41.29 -14.29
C GLY G 17 -24.41 -39.94 -14.60
N ASP G 18 -24.54 -39.06 -13.61
CA ASP G 18 -25.09 -37.73 -13.83
C ASP G 18 -24.06 -36.84 -14.51
N ARG G 19 -24.55 -35.72 -15.05
CA ARG G 19 -23.70 -34.68 -15.63
C ARG G 19 -23.84 -33.43 -14.80
N VAL G 20 -22.72 -32.90 -14.31
CA VAL G 20 -22.70 -31.72 -13.46
C VAL G 20 -21.71 -30.72 -14.03
N THR G 21 -21.94 -29.44 -13.73
CA THR G 21 -21.12 -28.36 -14.25
C THR G 21 -20.76 -27.41 -13.13
N ILE G 22 -19.46 -27.08 -13.04
CA ILE G 22 -18.95 -26.09 -12.10
C ILE G 22 -18.41 -24.93 -12.92
N THR G 23 -18.76 -23.70 -12.52
CA THR G 23 -18.38 -22.51 -13.27
C THR G 23 -17.62 -21.55 -12.39
N CYS G 24 -16.72 -20.79 -13.01
CA CYS G 24 -15.98 -19.73 -12.35
C CYS G 24 -16.05 -18.47 -13.20
N ARG G 25 -16.36 -17.34 -12.54
CA ARG G 25 -16.38 -16.05 -13.19
C ARG G 25 -15.16 -15.26 -12.72
N ALA G 26 -14.31 -14.87 -13.67
CA ALA G 26 -13.18 -14.02 -13.36
C ALA G 26 -13.62 -12.56 -13.31
N SER G 27 -13.12 -11.84 -12.30
CA SER G 27 -13.47 -10.43 -12.15
C SER G 27 -12.86 -9.56 -13.23
N GLN G 28 -11.96 -10.11 -14.04
CA GLN G 28 -11.22 -9.35 -15.04
C GLN G 28 -10.80 -10.33 -16.13
N SER G 29 -10.45 -9.78 -17.29
CA SER G 29 -10.00 -10.63 -18.39
C SER G 29 -8.74 -11.37 -17.98
N VAL G 30 -8.82 -12.69 -17.95
CA VAL G 30 -7.67 -13.53 -17.63
C VAL G 30 -7.23 -14.35 -18.84
N SER G 31 -7.65 -13.93 -20.03
CA SER G 31 -7.44 -14.68 -21.26
C SER G 31 -7.93 -16.11 -21.10
N SER G 32 -7.05 -17.08 -21.34
CA SER G 32 -7.39 -18.49 -21.16
C SER G 32 -6.56 -19.16 -20.09
N ALA G 33 -5.87 -18.38 -19.23
CA ALA G 33 -5.00 -18.93 -18.20
C ALA G 33 -5.84 -19.37 -17.01
N VAL G 34 -6.60 -20.44 -17.22
CA VAL G 34 -7.47 -21.01 -16.20
C VAL G 34 -7.23 -22.51 -16.12
N ALA G 35 -7.04 -23.01 -14.91
CA ALA G 35 -6.83 -24.43 -14.66
C ALA G 35 -7.83 -24.93 -13.63
N TRP G 36 -8.15 -26.21 -13.72
CA TRP G 36 -9.06 -26.87 -12.80
C TRP G 36 -8.32 -27.96 -12.04
N TYR G 37 -8.63 -28.08 -10.75
CA TYR G 37 -7.97 -29.04 -9.87
C TYR G 37 -9.00 -29.89 -9.16
N GLN G 38 -8.62 -31.12 -8.82
CA GLN G 38 -9.42 -32.03 -8.03
C GLN G 38 -8.67 -32.37 -6.75
N GLN G 39 -9.34 -32.22 -5.61
CA GLN G 39 -8.73 -32.53 -4.32
C GLN G 39 -9.65 -33.43 -3.53
N LYS G 40 -9.10 -34.54 -3.03
CA LYS G 40 -9.77 -35.44 -2.11
C LYS G 40 -9.30 -35.14 -0.69
N PRO G 41 -10.09 -35.48 0.33
CA PRO G 41 -9.71 -35.13 1.71
C PRO G 41 -8.39 -35.79 2.10
N GLY G 42 -7.50 -34.99 2.67
CA GLY G 42 -6.23 -35.48 3.16
C GLY G 42 -5.15 -35.71 2.12
N LYS G 43 -5.36 -35.26 0.88
CA LYS G 43 -4.39 -35.46 -0.19
C LYS G 43 -4.21 -34.17 -0.98
N ALA G 44 -3.07 -34.08 -1.67
CA ALA G 44 -2.75 -32.90 -2.44
C ALA G 44 -3.66 -32.81 -3.68
N PRO G 45 -3.91 -31.60 -4.17
CA PRO G 45 -4.74 -31.45 -5.37
C PRO G 45 -4.05 -32.00 -6.61
N LYS G 46 -4.87 -32.40 -7.58
CA LYS G 46 -4.39 -32.95 -8.84
C LYS G 46 -4.88 -32.09 -10.00
N LEU G 47 -3.98 -31.78 -10.92
CA LEU G 47 -4.33 -30.95 -12.07
C LEU G 47 -5.22 -31.73 -13.04
N LEU G 48 -6.34 -31.13 -13.42
CA LEU G 48 -7.29 -31.74 -14.34
C LEU G 48 -7.29 -31.08 -15.71
N ILE G 49 -7.50 -29.77 -15.77
CA ILE G 49 -7.59 -29.03 -17.02
C ILE G 49 -6.62 -27.85 -16.94
N TYR G 50 -6.00 -27.52 -18.07
CA TYR G 50 -5.20 -26.30 -18.19
C TYR G 50 -5.57 -25.61 -19.50
N SER G 51 -5.26 -24.32 -19.59
CA SER G 51 -5.64 -23.47 -20.72
C SER G 51 -7.16 -23.47 -20.93
N ALA G 52 -7.89 -23.85 -19.87
CA ALA G 52 -9.34 -23.78 -19.77
C ALA G 52 -10.08 -24.82 -20.62
N SER G 53 -9.36 -25.52 -21.49
CA SER G 53 -9.97 -26.60 -22.24
C SER G 53 -9.06 -27.78 -22.54
N SER G 54 -7.82 -27.79 -22.06
CA SER G 54 -6.87 -28.84 -22.38
C SER G 54 -6.75 -29.81 -21.22
N LEU G 55 -6.91 -31.09 -21.49
CA LEU G 55 -6.83 -32.11 -20.45
C LEU G 55 -5.38 -32.45 -20.14
N TYR G 56 -5.06 -32.58 -18.85
CA TYR G 56 -3.76 -33.06 -18.44
C TYR G 56 -3.63 -34.55 -18.77
N SER G 57 -2.39 -35.01 -18.88
CA SER G 57 -2.13 -36.40 -19.23
C SER G 57 -2.76 -37.33 -18.20
N GLY G 58 -3.45 -38.36 -18.69
CA GLY G 58 -4.10 -39.33 -17.82
C GLY G 58 -5.48 -38.94 -17.35
N VAL G 59 -5.95 -37.74 -17.65
CA VAL G 59 -7.28 -37.30 -17.22
C VAL G 59 -8.32 -37.93 -18.14
N PRO G 60 -9.34 -38.58 -17.59
CA PRO G 60 -10.38 -39.17 -18.45
C PRO G 60 -11.12 -38.10 -19.25
N SER G 61 -11.60 -38.51 -20.43
CA SER G 61 -12.24 -37.57 -21.35
C SER G 61 -13.62 -37.12 -20.87
N ARG G 62 -14.18 -37.74 -19.83
CA ARG G 62 -15.44 -37.26 -19.29
C ARG G 62 -15.31 -35.89 -18.64
N PHE G 63 -14.08 -35.48 -18.31
CA PHE G 63 -13.83 -34.11 -17.86
C PHE G 63 -13.63 -33.22 -19.08
N SER G 64 -14.30 -32.06 -19.07
CA SER G 64 -14.17 -31.11 -20.16
C SER G 64 -14.27 -29.70 -19.60
N GLY G 65 -13.65 -28.77 -20.31
CA GLY G 65 -13.69 -27.37 -19.93
C GLY G 65 -14.04 -26.49 -21.10
N SER G 66 -14.67 -25.36 -20.78
CA SER G 66 -15.10 -24.40 -21.80
C SER G 66 -14.92 -22.99 -21.25
N ARG G 67 -14.85 -22.04 -22.18
CA ARG G 67 -14.70 -20.62 -21.86
C ARG G 67 -15.69 -19.79 -22.65
N SER G 68 -16.24 -18.77 -21.99
CA SER G 68 -17.05 -17.76 -22.67
C SER G 68 -16.81 -16.44 -21.96
N GLY G 69 -16.04 -15.56 -22.59
CA GLY G 69 -15.67 -14.31 -21.96
C GLY G 69 -14.82 -14.56 -20.72
N THR G 70 -15.28 -14.04 -19.58
CA THR G 70 -14.61 -14.22 -18.30
C THR G 70 -15.20 -15.36 -17.49
N ASP G 71 -16.11 -16.14 -18.07
CA ASP G 71 -16.74 -17.27 -17.39
C ASP G 71 -16.15 -18.57 -17.92
N PHE G 72 -15.73 -19.43 -17.00
CA PHE G 72 -15.13 -20.71 -17.33
C PHE G 72 -15.91 -21.83 -16.65
N THR G 73 -16.13 -22.93 -17.38
CA THR G 73 -16.95 -24.03 -16.90
C THR G 73 -16.16 -25.33 -16.90
N LEU G 74 -16.36 -26.13 -15.86
CA LEU G 74 -15.89 -27.51 -15.81
C LEU G 74 -17.10 -28.42 -15.68
N THR G 75 -17.24 -29.38 -16.59
CA THR G 75 -18.37 -30.28 -16.59
C THR G 75 -17.89 -31.72 -16.70
N ILE G 76 -18.54 -32.61 -15.94
CA ILE G 76 -18.24 -34.03 -15.93
C ILE G 76 -19.43 -34.74 -16.56
N SER G 77 -19.21 -35.34 -17.74
CA SER G 77 -20.32 -35.85 -18.54
C SER G 77 -21.02 -37.02 -17.87
N SER G 78 -20.25 -37.93 -17.26
CA SER G 78 -20.82 -39.12 -16.60
C SER G 78 -20.08 -39.30 -15.28
N LEU G 79 -20.73 -38.90 -14.19
CA LEU G 79 -20.09 -38.90 -12.88
C LEU G 79 -19.74 -40.32 -12.45
N GLN G 80 -18.53 -40.49 -11.93
CA GLN G 80 -18.01 -41.78 -11.50
C GLN G 80 -17.80 -41.80 -9.99
N PRO G 81 -17.74 -42.99 -9.38
CA PRO G 81 -17.57 -43.05 -7.92
C PRO G 81 -16.32 -42.33 -7.42
N GLU G 82 -15.23 -42.36 -8.18
CA GLU G 82 -14.01 -41.68 -7.78
C GLU G 82 -14.03 -40.18 -8.10
N ASP G 83 -15.08 -39.70 -8.76
CA ASP G 83 -15.18 -38.29 -9.12
C ASP G 83 -15.71 -37.42 -7.97
N PHE G 84 -16.28 -38.01 -6.94
CA PHE G 84 -16.82 -37.23 -5.83
C PHE G 84 -15.66 -36.68 -5.00
N ALA G 85 -15.44 -35.38 -5.10
CA ALA G 85 -14.34 -34.69 -4.43
C ALA G 85 -14.65 -33.19 -4.48
N THR G 86 -13.66 -32.38 -4.11
CA THR G 86 -13.77 -30.92 -4.19
C THR G 86 -12.94 -30.43 -5.37
N TYR G 87 -13.53 -29.53 -6.16
CA TYR G 87 -12.90 -29.02 -7.36
C TYR G 87 -12.64 -27.52 -7.25
N TYR G 88 -11.47 -27.10 -7.72
CA TYR G 88 -11.04 -25.71 -7.66
C TYR G 88 -10.67 -25.22 -9.05
N CYS G 89 -11.08 -24.00 -9.36
CA CYS G 89 -10.61 -23.29 -10.53
C CYS G 89 -9.49 -22.34 -10.13
N GLN G 90 -8.57 -22.09 -11.07
CA GLN G 90 -7.39 -21.29 -10.77
C GLN G 90 -7.09 -20.39 -11.95
N GLN G 91 -6.62 -19.17 -11.66
CA GLN G 91 -6.31 -18.16 -12.66
C GLN G 91 -4.85 -17.76 -12.58
N SER G 92 -4.20 -17.64 -13.73
CA SER G 92 -2.84 -17.13 -13.81
C SER G 92 -2.68 -16.17 -14.99
N GLY G 93 -3.72 -15.41 -15.32
CA GLY G 93 -3.67 -14.56 -16.48
C GLY G 93 -2.76 -13.36 -16.32
N GLY G 94 -2.53 -12.92 -15.08
CA GLY G 94 -1.68 -11.78 -14.83
C GLY G 94 -1.63 -11.41 -13.36
N GLY G 95 -0.44 -11.07 -12.87
CA GLY G 95 -0.26 -10.79 -11.47
C GLY G 95 -0.36 -12.05 -10.63
N PRO G 96 -0.68 -11.90 -9.35
CA PRO G 96 -0.74 -13.06 -8.46
C PRO G 96 -1.83 -14.05 -8.87
N ILE G 97 -1.56 -15.32 -8.62
CA ILE G 97 -2.48 -16.41 -8.91
C ILE G 97 -3.52 -16.49 -7.79
N THR G 98 -4.77 -16.71 -8.16
CA THR G 98 -5.85 -16.89 -7.19
C THR G 98 -6.68 -18.11 -7.56
N PHE G 99 -7.14 -18.84 -6.55
CA PHE G 99 -8.01 -19.99 -6.71
C PHE G 99 -9.46 -19.58 -6.51
N GLY G 100 -10.37 -20.46 -6.94
CA GLY G 100 -11.76 -20.32 -6.58
C GLY G 100 -12.05 -20.82 -5.19
N GLN G 101 -13.26 -20.56 -4.72
CA GLN G 101 -13.65 -20.99 -3.38
C GLN G 101 -13.85 -22.50 -3.29
N GLY G 102 -13.95 -23.20 -4.41
CA GLY G 102 -14.12 -24.64 -4.41
C GLY G 102 -15.56 -25.06 -4.58
N THR G 103 -15.73 -26.33 -4.96
CA THR G 103 -17.05 -26.92 -5.12
C THR G 103 -16.99 -28.38 -4.68
N LYS G 104 -17.77 -28.72 -3.65
CA LYS G 104 -17.85 -30.10 -3.20
C LYS G 104 -18.89 -30.85 -4.01
N VAL G 105 -18.50 -31.98 -4.59
CA VAL G 105 -19.40 -32.83 -5.35
C VAL G 105 -19.75 -34.02 -4.44
N GLU G 106 -20.94 -33.96 -3.84
CA GLU G 106 -21.37 -34.94 -2.86
C GLU G 106 -22.33 -35.95 -3.49
N ILE G 107 -22.58 -37.02 -2.76
CA ILE G 107 -23.38 -38.14 -3.25
C ILE G 107 -24.84 -37.91 -2.88
N LYS G 108 -25.70 -37.96 -3.90
CA LYS G 108 -27.13 -37.85 -3.67
C LYS G 108 -27.68 -39.14 -3.10
N ARG G 109 -28.55 -39.03 -2.10
CA ARG G 109 -29.22 -40.18 -1.51
C ARG G 109 -30.58 -39.73 -0.98
N THR G 110 -31.33 -40.69 -0.44
CA THR G 110 -32.63 -40.38 0.12
C THR G 110 -32.48 -39.63 1.44
N VAL G 111 -33.55 -38.93 1.81
CA VAL G 111 -33.53 -38.11 3.03
C VAL G 111 -33.47 -39.01 4.24
N ALA G 112 -32.56 -38.71 5.16
CA ALA G 112 -32.41 -39.47 6.41
C ALA G 112 -32.59 -38.52 7.58
N ALA G 113 -33.58 -38.82 8.43
CA ALA G 113 -33.79 -38.02 9.63
C ALA G 113 -32.72 -38.35 10.67
N PRO G 114 -32.18 -37.34 11.36
CA PRO G 114 -31.16 -37.62 12.38
C PRO G 114 -31.75 -38.32 13.58
N SER G 115 -30.94 -39.19 14.18
CA SER G 115 -31.21 -39.78 15.49
C SER G 115 -30.47 -38.95 16.52
N VAL G 116 -31.22 -38.26 17.38
CA VAL G 116 -30.66 -37.24 18.26
C VAL G 116 -30.35 -37.85 19.62
N PHE G 117 -29.16 -37.57 20.14
CA PHE G 117 -28.75 -37.98 21.46
C PHE G 117 -28.17 -36.78 22.21
N ILE G 118 -28.31 -36.79 23.53
CA ILE G 118 -27.77 -35.75 24.38
C ILE G 118 -26.97 -36.41 25.50
N PHE G 119 -25.81 -35.84 25.81
CA PHE G 119 -24.91 -36.40 26.81
C PHE G 119 -24.61 -35.35 27.87
N PRO G 120 -24.87 -35.62 29.14
CA PRO G 120 -24.55 -34.63 30.19
C PRO G 120 -23.06 -34.59 30.45
N PRO G 121 -22.57 -33.54 31.12
CA PRO G 121 -21.15 -33.50 31.48
C PRO G 121 -20.76 -34.67 32.37
N SER G 122 -19.53 -35.12 32.20
CA SER G 122 -19.06 -36.32 32.87
C SER G 122 -18.67 -36.02 34.31
N ASP G 123 -18.22 -37.06 35.02
CA ASP G 123 -17.76 -36.91 36.40
C ASP G 123 -16.43 -36.19 36.46
N SER G 124 -15.48 -36.57 35.59
CA SER G 124 -14.15 -35.97 35.64
C SER G 124 -14.18 -34.50 35.25
N GLN G 125 -15.01 -34.14 34.26
CA GLN G 125 -15.13 -32.73 33.90
C GLN G 125 -15.81 -31.94 35.01
N LEU G 126 -16.83 -32.52 35.64
CA LEU G 126 -17.37 -31.93 36.87
C LEU G 126 -16.34 -31.94 37.99
N LYS G 127 -15.36 -32.84 37.94
CA LYS G 127 -14.21 -32.80 38.83
C LYS G 127 -13.19 -31.84 38.26
N SER G 128 -13.65 -30.63 37.93
CA SER G 128 -12.87 -29.58 37.30
C SER G 128 -13.79 -28.37 37.16
N GLY G 129 -13.21 -27.25 36.75
CA GLY G 129 -13.97 -26.01 36.70
C GLY G 129 -14.62 -25.70 35.36
N THR G 130 -15.16 -26.73 34.70
CA THR G 130 -15.80 -26.51 33.41
C THR G 130 -16.84 -27.61 33.19
N ALA G 131 -17.77 -27.33 32.27
CA ALA G 131 -18.82 -28.27 31.92
C ALA G 131 -19.09 -28.19 30.42
N SER G 132 -19.24 -29.36 29.79
CA SER G 132 -19.54 -29.44 28.36
C SER G 132 -20.73 -30.35 28.15
N VAL G 133 -21.71 -29.87 27.39
CA VAL G 133 -22.89 -30.65 27.02
C VAL G 133 -22.86 -30.84 25.51
N VAL G 134 -22.95 -32.09 25.07
CA VAL G 134 -22.79 -32.43 23.66
C VAL G 134 -24.11 -33.01 23.15
N CYS G 135 -24.60 -32.45 22.04
CA CYS G 135 -25.77 -32.96 21.35
C CYS G 135 -25.33 -33.60 20.04
N LEU G 136 -25.73 -34.85 19.84
CA LEU G 136 -25.27 -35.65 18.70
C LEU G 136 -26.43 -35.87 17.73
N LEU G 137 -26.21 -35.49 16.47
CA LEU G 137 -27.10 -35.82 15.37
C LEU G 137 -26.39 -36.85 14.50
N ASN G 138 -26.95 -38.05 14.43
CA ASN G 138 -26.26 -39.19 13.84
C ASN G 138 -26.97 -39.65 12.57
N ASN G 139 -26.22 -39.78 11.48
CA ASN G 139 -26.67 -40.42 10.25
C ASN G 139 -27.91 -39.73 9.69
N PHE G 140 -27.73 -38.48 9.28
CA PHE G 140 -28.78 -37.69 8.66
C PHE G 140 -28.34 -37.18 7.30
N TYR G 141 -29.32 -37.01 6.41
CA TYR G 141 -29.11 -36.46 5.07
C TYR G 141 -30.39 -35.71 4.69
N PRO G 142 -30.26 -34.53 4.06
CA PRO G 142 -29.03 -33.84 3.64
C PRO G 142 -28.30 -33.14 4.78
N ARG G 143 -27.33 -32.29 4.43
CA ARG G 143 -26.45 -31.69 5.42
C ARG G 143 -27.19 -30.66 6.29
N GLU G 144 -28.12 -29.92 5.70
CA GLU G 144 -28.74 -28.79 6.40
C GLU G 144 -29.48 -29.24 7.65
N ALA G 145 -29.18 -28.60 8.78
CA ALA G 145 -29.81 -28.90 10.05
C ALA G 145 -29.52 -27.76 11.02
N LYS G 146 -30.51 -27.42 11.84
CA LYS G 146 -30.38 -26.39 12.87
C LYS G 146 -30.41 -27.03 14.25
N VAL G 147 -29.48 -26.64 15.11
CA VAL G 147 -29.41 -27.11 16.49
C VAL G 147 -29.48 -25.91 17.41
N GLN G 148 -30.34 -25.98 18.41
CA GLN G 148 -30.54 -24.87 19.35
C GLN G 148 -30.52 -25.40 20.78
N TRP G 149 -29.83 -24.67 21.65
CA TRP G 149 -29.73 -25.01 23.07
C TRP G 149 -30.67 -24.13 23.88
N LYS G 150 -31.22 -24.70 24.95
CA LYS G 150 -32.13 -23.99 25.85
C LYS G 150 -31.78 -24.34 27.28
N VAL G 151 -31.08 -23.43 27.96
CA VAL G 151 -30.92 -23.54 29.41
C VAL G 151 -32.20 -23.02 30.05
N ASP G 152 -32.79 -23.84 30.93
CA ASP G 152 -34.16 -23.61 31.36
C ASP G 152 -35.04 -23.43 30.13
N ASN G 153 -35.27 -22.17 29.75
CA ASN G 153 -35.88 -21.83 28.47
C ASN G 153 -35.18 -20.63 27.83
N ALA G 154 -33.89 -20.47 28.06
CA ALA G 154 -33.12 -19.35 27.54
C ALA G 154 -32.44 -19.75 26.22
N LEU G 155 -32.49 -18.85 25.25
CA LEU G 155 -31.96 -19.11 23.92
C LEU G 155 -30.49 -18.67 23.87
N GLN G 156 -29.61 -19.61 23.51
CA GLN G 156 -28.18 -19.37 23.49
C GLN G 156 -27.75 -18.63 22.23
N SER G 157 -26.71 -17.82 22.37
CA SER G 157 -26.23 -16.96 21.29
C SER G 157 -24.71 -16.89 21.26
N GLY G 158 -24.05 -18.05 21.31
CA GLY G 158 -22.60 -18.06 21.17
C GLY G 158 -21.81 -18.87 22.17
N ASN G 159 -22.46 -19.69 22.99
CA ASN G 159 -21.75 -20.61 23.88
C ASN G 159 -21.70 -22.03 23.32
N SER G 160 -21.88 -22.19 22.02
CA SER G 160 -21.90 -23.50 21.38
C SER G 160 -21.05 -23.48 20.12
N GLN G 161 -20.43 -24.62 19.83
CA GLN G 161 -19.63 -24.82 18.63
C GLN G 161 -20.02 -26.13 17.97
N GLU G 162 -20.13 -26.09 16.64
CA GLU G 162 -20.59 -27.24 15.86
C GLU G 162 -19.43 -27.86 15.10
N SER G 163 -19.46 -29.18 14.97
CA SER G 163 -18.52 -29.93 14.16
C SER G 163 -19.31 -30.94 13.32
N VAL G 164 -19.09 -30.94 12.02
CA VAL G 164 -19.86 -31.74 11.08
C VAL G 164 -18.93 -32.75 10.42
N THR G 165 -19.36 -34.00 10.37
CA THR G 165 -18.57 -35.06 9.73
C THR G 165 -18.81 -35.05 8.23
N GLU G 166 -17.84 -35.58 7.50
CA GLU G 166 -17.98 -35.71 6.05
C GLU G 166 -18.89 -36.88 5.72
N GLN G 167 -19.33 -36.92 4.46
CA GLN G 167 -20.27 -37.95 4.03
C GLN G 167 -19.71 -39.33 4.31
N ASP G 168 -20.51 -40.16 5.00
CA ASP G 168 -20.07 -41.48 5.41
C ASP G 168 -19.70 -42.32 4.21
N SER G 169 -18.58 -43.04 4.33
CA SER G 169 -18.12 -43.90 3.24
C SER G 169 -19.05 -45.08 2.97
N LYS G 170 -19.99 -45.35 3.87
CA LYS G 170 -20.85 -46.52 3.76
C LYS G 170 -22.26 -46.19 3.28
N ASP G 171 -22.85 -45.08 3.73
CA ASP G 171 -24.20 -44.72 3.33
C ASP G 171 -24.35 -43.25 2.96
N SER G 172 -23.24 -42.53 2.78
CA SER G 172 -23.25 -41.14 2.29
C SER G 172 -24.08 -40.23 3.18
N THR G 173 -23.99 -40.42 4.49
CA THR G 173 -24.76 -39.66 5.45
C THR G 173 -23.85 -38.74 6.26
N TYR G 174 -24.47 -37.84 7.02
CA TYR G 174 -23.75 -36.85 7.82
C TYR G 174 -23.99 -37.07 9.31
N SER G 175 -23.12 -36.46 10.10
CA SER G 175 -23.26 -36.46 11.56
C SER G 175 -22.78 -35.11 12.08
N LEU G 176 -23.57 -34.51 12.97
CA LEU G 176 -23.27 -33.21 13.54
C LEU G 176 -23.17 -33.31 15.04
N SER G 177 -22.26 -32.54 15.63
CA SER G 177 -22.07 -32.49 17.07
C SER G 177 -22.02 -31.04 17.51
N SER G 178 -23.03 -30.60 18.26
CA SER G 178 -23.06 -29.26 18.84
C SER G 178 -22.73 -29.38 20.32
N THR G 179 -21.70 -28.67 20.76
CA THR G 179 -21.18 -28.78 22.12
C THR G 179 -21.51 -27.50 22.88
N LEU G 180 -22.18 -27.65 24.02
CA LEU G 180 -22.56 -26.54 24.87
C LEU G 180 -21.59 -26.47 26.04
N THR G 181 -20.81 -25.39 26.10
CA THR G 181 -19.73 -25.24 27.08
C THR G 181 -20.10 -24.15 28.08
N LEU G 182 -20.01 -24.48 29.37
CA LEU G 182 -20.29 -23.54 30.43
C LEU G 182 -19.39 -23.85 31.62
N SER G 183 -19.20 -22.86 32.48
CA SER G 183 -18.44 -23.06 33.70
C SER G 183 -19.22 -23.95 34.67
N LYS G 184 -18.49 -24.55 35.60
CA LYS G 184 -19.13 -25.42 36.59
C LYS G 184 -20.12 -24.66 37.46
N ALA G 185 -19.85 -23.39 37.73
CA ALA G 185 -20.77 -22.58 38.53
C ALA G 185 -22.10 -22.40 37.80
N ASP G 186 -22.04 -22.09 36.51
CA ASP G 186 -23.27 -21.85 35.75
C ASP G 186 -23.95 -23.14 35.30
N TYR G 187 -23.24 -24.28 35.35
CA TYR G 187 -23.87 -25.54 35.00
C TYR G 187 -24.83 -26.00 36.10
N GLU G 188 -24.55 -25.67 37.35
CA GLU G 188 -25.43 -25.98 38.47
C GLU G 188 -26.35 -24.83 38.84
N LYS G 189 -26.25 -23.69 38.14
CA LYS G 189 -27.18 -22.59 38.38
C LYS G 189 -28.53 -22.86 37.72
N HIS G 190 -28.51 -23.16 36.43
CA HIS G 190 -29.74 -23.44 35.70
C HIS G 190 -30.18 -24.88 35.94
N LYS G 191 -31.44 -25.17 35.59
CA LYS G 191 -32.10 -26.39 35.98
C LYS G 191 -32.14 -27.45 34.89
N VAL G 192 -32.67 -27.11 33.71
CA VAL G 192 -32.93 -28.08 32.67
C VAL G 192 -32.26 -27.64 31.37
N TYR G 193 -31.57 -28.56 30.71
CA TYR G 193 -30.89 -28.31 29.45
C TYR G 193 -31.54 -29.15 28.35
N ALA G 194 -31.80 -28.54 27.20
CA ALA G 194 -32.47 -29.20 26.10
C ALA G 194 -31.75 -28.87 24.79
N CYS G 195 -31.75 -29.84 23.88
CA CYS G 195 -31.22 -29.67 22.54
C CYS G 195 -32.38 -29.77 21.55
N GLU G 196 -32.55 -28.74 20.72
CA GLU G 196 -33.62 -28.67 19.75
C GLU G 196 -33.06 -28.90 18.36
N VAL G 197 -33.53 -29.94 17.68
CA VAL G 197 -33.02 -30.35 16.37
C VAL G 197 -34.12 -30.15 15.33
N THR G 198 -33.81 -29.40 14.29
CA THR G 198 -34.70 -29.18 13.16
C THR G 198 -34.02 -29.70 11.90
N HIS G 199 -34.70 -30.62 11.20
CA HIS G 199 -34.14 -31.22 9.99
C HIS G 199 -35.26 -31.46 8.99
N GLN G 200 -34.87 -31.58 7.73
CA GLN G 200 -35.83 -31.77 6.64
C GLN G 200 -36.61 -33.07 6.80
N GLY G 201 -35.95 -34.14 7.24
CA GLY G 201 -36.58 -35.43 7.39
C GLY G 201 -37.47 -35.58 8.60
N LEU G 202 -37.54 -34.58 9.46
CA LEU G 202 -38.37 -34.61 10.66
C LEU G 202 -39.64 -33.80 10.40
N SER G 203 -40.79 -34.37 10.77
CA SER G 203 -42.06 -33.67 10.61
C SER G 203 -42.09 -32.41 11.48
N SER G 204 -41.60 -32.51 12.71
CA SER G 204 -41.55 -31.40 13.64
C SER G 204 -40.19 -31.45 14.35
N PRO G 205 -39.73 -30.32 14.88
CA PRO G 205 -38.45 -30.32 15.61
C PRO G 205 -38.50 -31.26 16.79
N VAL G 206 -37.35 -31.91 17.05
CA VAL G 206 -37.21 -32.90 18.11
C VAL G 206 -36.32 -32.33 19.20
N THR G 207 -36.70 -32.58 20.46
CA THR G 207 -35.97 -32.08 21.62
C THR G 207 -35.65 -33.23 22.56
N LYS G 208 -34.39 -33.30 22.98
CA LYS G 208 -33.94 -34.26 23.99
C LYS G 208 -33.44 -33.51 25.21
N SER G 209 -33.79 -34.00 26.40
CA SER G 209 -33.59 -33.23 27.62
C SER G 209 -33.02 -34.12 28.73
N PHE G 210 -32.58 -33.45 29.79
CA PHE G 210 -32.04 -34.01 31.03
C PHE G 210 -31.91 -32.87 32.01
N ASN G 211 -32.32 -33.10 33.26
CA ASN G 211 -32.39 -31.93 34.14
C ASN G 211 -31.03 -31.59 34.75
N ARG G 212 -30.60 -32.35 35.76
CA ARG G 212 -29.30 -32.13 36.39
C ARG G 212 -28.93 -33.30 37.28
N GLY G 213 -27.88 -34.06 36.90
CA GLY G 213 -27.46 -35.21 37.66
C GLY G 213 -28.61 -36.12 38.09
N GLU G 214 -29.70 -36.09 37.32
CA GLU G 214 -30.95 -36.72 37.70
C GLU G 214 -31.00 -38.20 37.31
N CYS G 215 -29.85 -38.82 37.08
CA CYS G 215 -29.78 -40.25 36.84
C CYS G 215 -30.57 -40.67 35.60
N SER H 1 -2.03 21.72 -14.88
CA SER H 1 -2.05 20.67 -13.87
C SER H 1 -2.21 19.30 -14.53
N ASP H 2 -3.44 18.78 -14.52
CA ASP H 2 -3.91 17.58 -15.19
C ASP H 2 -3.37 16.28 -14.62
N ILE H 3 -2.48 16.33 -13.62
CA ILE H 3 -2.02 15.13 -12.93
C ILE H 3 -2.60 15.14 -11.53
N GLN H 4 -3.44 14.16 -11.22
CA GLN H 4 -4.21 14.14 -9.99
C GLN H 4 -3.80 12.94 -9.13
N MET H 5 -3.65 13.18 -7.84
CA MET H 5 -3.39 12.13 -6.87
C MET H 5 -4.67 11.76 -6.16
N THR H 6 -5.13 10.53 -6.35
CA THR H 6 -6.37 10.05 -5.74
C THR H 6 -6.03 9.45 -4.39
N GLN H 7 -6.26 10.22 -3.32
CA GLN H 7 -5.90 9.80 -1.97
C GLN H 7 -7.08 9.13 -1.31
N SER H 8 -6.84 7.96 -0.71
CA SER H 8 -7.84 7.20 0.03
C SER H 8 -7.25 6.77 1.36
N PRO H 9 -8.10 6.56 2.39
CA PRO H 9 -9.56 6.65 2.45
C PRO H 9 -10.05 8.05 2.80
N SER H 10 -9.11 9.00 2.92
CA SER H 10 -9.39 10.40 3.21
C SER H 10 -9.89 10.61 4.64
N SER H 11 -10.02 9.50 5.38
CA SER H 11 -10.42 9.51 6.78
C SER H 11 -10.37 8.09 7.32
N LEU H 12 -9.77 7.93 8.50
CA LEU H 12 -9.73 6.63 9.16
C LEU H 12 -9.54 6.87 10.65
N SER H 13 -10.14 5.98 11.45
CA SER H 13 -10.01 6.02 12.90
C SER H 13 -9.16 4.84 13.35
N ALA H 14 -8.23 5.12 14.27
CA ALA H 14 -7.31 4.10 14.76
C ALA H 14 -6.90 4.47 16.18
N SER H 15 -6.28 3.50 16.85
CA SER H 15 -5.80 3.67 18.22
C SER H 15 -4.27 3.66 18.24
N VAL H 16 -3.72 4.01 19.40
CA VAL H 16 -2.28 4.05 19.57
C VAL H 16 -1.71 2.64 19.45
N GLY H 17 -0.69 2.48 18.60
CA GLY H 17 -0.07 1.21 18.35
C GLY H 17 -0.58 0.49 17.12
N ASP H 18 -1.68 0.95 16.53
CA ASP H 18 -2.19 0.33 15.32
C ASP H 18 -1.30 0.65 14.12
N ARG H 19 -1.38 -0.21 13.11
CA ARG H 19 -0.66 -0.02 11.87
C ARG H 19 -1.62 0.54 10.83
N VAL H 20 -1.37 1.75 10.37
CA VAL H 20 -2.26 2.43 9.45
C VAL H 20 -1.64 2.42 8.06
N THR H 21 -2.51 2.58 7.05
CA THR H 21 -2.09 2.56 5.66
C THR H 21 -2.85 3.64 4.90
N ILE H 22 -2.11 4.55 4.29
CA ILE H 22 -2.67 5.62 3.45
C ILE H 22 -2.07 5.48 2.07
N THR H 23 -2.93 5.30 1.07
CA THR H 23 -2.50 5.00 -0.29
C THR H 23 -2.93 6.11 -1.24
N CYS H 24 -1.99 6.61 -2.03
CA CYS H 24 -2.28 7.55 -3.11
C CYS H 24 -2.01 6.89 -4.45
N ARG H 25 -2.92 7.08 -5.40
CA ARG H 25 -2.76 6.58 -6.76
C ARG H 25 -2.63 7.76 -7.71
N ALA H 26 -1.57 7.74 -8.52
CA ALA H 26 -1.37 8.77 -9.52
C ALA H 26 -2.13 8.43 -10.79
N SER H 27 -2.76 9.45 -11.39
CA SER H 27 -3.48 9.27 -12.64
C SER H 27 -2.55 9.12 -13.84
N GLN H 28 -1.25 9.34 -13.64
CA GLN H 28 -0.26 9.25 -14.71
C GLN H 28 1.08 8.88 -14.09
N SER H 29 1.99 8.38 -14.93
CA SER H 29 3.30 7.97 -14.46
C SER H 29 4.08 9.18 -13.97
N VAL H 30 4.65 9.05 -12.78
CA VAL H 30 5.45 10.11 -12.18
C VAL H 30 6.78 9.53 -11.70
N SER H 31 7.05 8.29 -12.07
CA SER H 31 8.24 7.55 -11.67
C SER H 31 8.26 7.42 -10.15
N SER H 32 8.99 8.31 -9.46
CA SER H 32 9.06 8.26 -8.01
C SER H 32 9.00 9.64 -7.37
N ALA H 33 8.64 10.69 -8.12
CA ALA H 33 8.58 12.04 -7.60
C ALA H 33 7.31 12.23 -6.77
N VAL H 34 7.30 11.59 -5.60
CA VAL H 34 6.17 11.63 -4.69
C VAL H 34 6.68 11.94 -3.29
N ALA H 35 6.05 12.89 -2.63
CA ALA H 35 6.38 13.27 -1.27
C ALA H 35 5.15 13.13 -0.38
N TRP H 36 5.41 12.97 0.92
CA TRP H 36 4.35 12.83 1.92
C TRP H 36 4.51 13.91 2.98
N TYR H 37 3.40 14.51 3.38
CA TYR H 37 3.39 15.61 4.33
C TYR H 37 2.42 15.32 5.46
N GLN H 38 2.73 15.86 6.63
CA GLN H 38 1.87 15.80 7.80
C GLN H 38 1.52 17.21 8.24
N GLN H 39 0.23 17.49 8.38
CA GLN H 39 -0.24 18.80 8.81
C GLN H 39 -1.17 18.64 10.00
N LYS H 40 -0.92 19.41 11.03
CA LYS H 40 -1.74 19.56 12.21
C LYS H 40 -2.48 20.88 12.16
N PRO H 41 -3.66 20.99 12.81
CA PRO H 41 -4.45 22.21 12.68
C PRO H 41 -3.69 23.44 13.17
N GLY H 42 -3.84 24.53 12.42
CA GLY H 42 -3.19 25.78 12.76
C GLY H 42 -1.70 25.82 12.54
N LYS H 43 -1.14 24.85 11.80
CA LYS H 43 0.30 24.79 11.59
C LYS H 43 0.60 24.50 10.13
N ALA H 44 1.82 24.85 9.73
CA ALA H 44 2.27 24.56 8.38
C ALA H 44 2.55 23.07 8.21
N PRO H 45 2.48 22.56 6.99
CA PRO H 45 2.79 21.14 6.76
C PRO H 45 4.26 20.82 7.04
N LYS H 46 4.50 19.58 7.43
CA LYS H 46 5.84 19.07 7.67
C LYS H 46 6.12 17.92 6.71
N LEU H 47 7.29 17.96 6.07
CA LEU H 47 7.68 16.88 5.17
C LEU H 47 8.01 15.62 5.96
N LEU H 48 7.58 14.47 5.44
CA LEU H 48 7.89 13.18 6.02
C LEU H 48 8.70 12.30 5.08
N ILE H 49 8.23 12.10 3.85
CA ILE H 49 8.86 11.21 2.89
C ILE H 49 9.07 11.98 1.59
N TYR H 50 10.20 11.72 0.93
CA TYR H 50 10.45 12.23 -0.41
C TYR H 50 11.02 11.11 -1.25
N SER H 51 10.91 11.25 -2.57
CA SER H 51 11.27 10.21 -3.53
C SER H 51 10.50 8.91 -3.28
N ALA H 52 9.37 9.02 -2.58
CA ALA H 52 8.38 7.98 -2.35
C ALA H 52 8.85 6.91 -1.37
N SER H 53 10.10 6.98 -0.92
CA SER H 53 10.63 6.01 0.02
C SER H 53 11.73 6.53 0.92
N SER H 54 12.12 7.79 0.81
CA SER H 54 13.24 8.34 1.58
C SER H 54 12.70 9.20 2.72
N LEU H 55 13.06 8.84 3.95
CA LEU H 55 12.62 9.63 5.10
C LEU H 55 13.40 10.94 5.17
N TYR H 56 12.68 12.03 5.40
CA TYR H 56 13.33 13.31 5.66
C TYR H 56 14.03 13.26 7.01
N SER H 57 15.08 14.07 7.15
CA SER H 57 15.88 14.06 8.36
C SER H 57 15.03 14.44 9.57
N GLY H 58 15.16 13.65 10.64
CA GLY H 58 14.40 13.86 11.86
C GLY H 58 13.09 13.11 11.93
N VAL H 59 12.59 12.57 10.82
CA VAL H 59 11.32 11.84 10.83
C VAL H 59 11.53 10.49 11.51
N PRO H 60 10.67 10.08 12.44
CA PRO H 60 10.83 8.76 13.07
C PRO H 60 10.72 7.64 12.04
N SER H 61 11.46 6.55 12.32
CA SER H 61 11.52 5.43 11.39
C SER H 61 10.22 4.66 11.30
N ARG H 62 9.26 4.91 12.19
CA ARG H 62 7.95 4.26 12.09
C ARG H 62 7.17 4.72 10.87
N PHE H 63 7.58 5.83 10.24
CA PHE H 63 7.02 6.25 8.97
C PHE H 63 7.82 5.62 7.84
N SER H 64 7.12 5.22 6.78
CA SER H 64 7.77 4.57 5.65
C SER H 64 6.91 4.77 4.41
N GLY H 65 7.54 4.61 3.24
CA GLY H 65 6.84 4.77 1.98
C GLY H 65 7.25 3.75 0.94
N SER H 66 6.27 3.06 0.38
CA SER H 66 6.51 2.05 -0.65
C SER H 66 5.87 2.49 -1.96
N ARG H 67 6.22 1.78 -3.04
CA ARG H 67 5.69 2.07 -4.36
C ARG H 67 5.45 0.76 -5.10
N SER H 68 4.32 0.68 -5.79
CA SER H 68 3.95 -0.51 -6.56
C SER H 68 3.39 -0.09 -7.92
N GLY H 69 4.08 0.84 -8.58
CA GLY H 69 3.64 1.35 -9.87
C GLY H 69 3.18 2.79 -9.79
N THR H 70 1.88 3.01 -10.00
CA THR H 70 1.27 4.32 -9.82
C THR H 70 0.63 4.47 -8.44
N ASP H 71 0.79 3.48 -7.57
CA ASP H 71 0.24 3.51 -6.22
C ASP H 71 1.35 3.79 -5.23
N PHE H 72 1.16 4.80 -4.40
CA PHE H 72 2.13 5.21 -3.39
C PHE H 72 1.50 5.08 -2.01
N THR H 73 2.19 4.39 -1.11
CA THR H 73 1.64 4.03 0.20
C THR H 73 2.47 4.69 1.30
N LEU H 74 1.77 5.34 2.24
CA LEU H 74 2.38 5.85 3.46
C LEU H 74 1.97 4.92 4.60
N THR H 75 2.95 4.33 5.27
CA THR H 75 2.71 3.35 6.30
C THR H 75 3.27 3.82 7.64
N ILE H 76 2.45 3.76 8.67
CA ILE H 76 2.87 4.01 10.05
C ILE H 76 2.81 2.68 10.78
N SER H 77 3.97 2.15 11.19
CA SER H 77 4.03 0.81 11.75
C SER H 77 3.29 0.73 13.08
N SER H 78 3.58 1.65 14.00
CA SER H 78 2.93 1.71 15.30
C SER H 78 2.47 3.14 15.53
N LEU H 79 1.16 3.36 15.50
CA LEU H 79 0.62 4.71 15.62
C LEU H 79 0.93 5.30 16.99
N GLN H 80 1.38 6.54 17.00
CA GLN H 80 1.76 7.26 18.20
C GLN H 80 0.78 8.39 18.49
N PRO H 81 0.66 8.82 19.75
CA PRO H 81 -0.34 9.85 20.08
C PRO H 81 -0.17 11.15 19.32
N GLU H 82 1.05 11.51 18.95
CA GLU H 82 1.30 12.73 18.20
C GLU H 82 1.19 12.54 16.69
N ASP H 83 0.83 11.34 16.23
CA ASP H 83 0.68 11.08 14.81
C ASP H 83 -0.73 11.36 14.29
N PHE H 84 -1.67 11.68 15.18
CA PHE H 84 -3.04 11.98 14.76
C PHE H 84 -3.06 13.35 14.09
N ALA H 85 -3.12 13.35 12.78
CA ALA H 85 -3.12 14.58 11.99
C ALA H 85 -3.73 14.26 10.62
N THR H 86 -3.57 15.19 9.68
CA THR H 86 -3.97 14.99 8.30
C THR H 86 -2.72 14.84 7.45
N TYR H 87 -2.70 13.80 6.60
CA TYR H 87 -1.53 13.49 5.78
C TYR H 87 -1.86 13.71 4.32
N TYR H 88 -0.94 14.36 3.61
CA TYR H 88 -1.11 14.71 2.20
C TYR H 88 0.02 14.10 1.38
N CYS H 89 -0.32 13.61 0.19
CA CYS H 89 0.66 13.14 -0.77
C CYS H 89 0.79 14.15 -1.90
N GLN H 90 1.99 14.25 -2.46
CA GLN H 90 2.32 15.29 -3.43
C GLN H 90 3.02 14.67 -4.63
N GLN H 91 2.71 15.19 -5.82
CA GLN H 91 3.33 14.76 -7.07
C GLN H 91 4.16 15.89 -7.65
N SER H 92 5.36 15.55 -8.14
CA SER H 92 6.20 16.55 -8.80
C SER H 92 6.86 15.99 -10.06
N GLY H 93 6.39 14.85 -10.57
CA GLY H 93 7.02 14.26 -11.74
C GLY H 93 6.60 14.88 -13.06
N GLY H 94 5.36 15.33 -13.16
CA GLY H 94 4.86 15.89 -14.39
C GLY H 94 5.12 17.38 -14.54
N GLY H 95 4.07 18.15 -14.77
CA GLY H 95 4.19 19.58 -14.91
C GLY H 95 3.92 20.29 -13.61
N PRO H 96 2.76 20.95 -13.50
CA PRO H 96 2.38 21.58 -12.23
C PRO H 96 2.24 20.55 -11.12
N ILE H 97 2.64 20.95 -9.91
CA ILE H 97 2.57 20.08 -8.74
C ILE H 97 1.14 20.04 -8.23
N THR H 98 0.69 18.86 -7.81
CA THR H 98 -0.63 18.68 -7.24
C THR H 98 -0.55 17.87 -5.96
N PHE H 99 -1.42 18.21 -5.01
CA PHE H 99 -1.54 17.50 -3.75
C PHE H 99 -2.74 16.57 -3.77
N GLY H 100 -2.69 15.56 -2.91
CA GLY H 100 -3.84 14.70 -2.70
C GLY H 100 -4.89 15.38 -1.86
N GLN H 101 -6.07 14.76 -1.81
CA GLN H 101 -7.16 15.30 -1.01
C GLN H 101 -6.90 15.20 0.48
N GLY H 102 -5.88 14.46 0.89
CA GLY H 102 -5.56 14.33 2.30
C GLY H 102 -6.31 13.20 2.96
N THR H 103 -5.70 12.65 4.02
CA THR H 103 -6.31 11.62 4.83
C THR H 103 -6.23 12.04 6.29
N LYS H 104 -7.39 12.22 6.92
CA LYS H 104 -7.43 12.63 8.32
C LYS H 104 -7.45 11.39 9.21
N VAL H 105 -6.50 11.31 10.13
CA VAL H 105 -6.38 10.18 11.05
C VAL H 105 -6.88 10.65 12.41
N GLU H 106 -8.06 10.16 12.81
CA GLU H 106 -8.71 10.57 14.04
C GLU H 106 -8.60 9.46 15.09
N ILE H 107 -8.65 9.86 16.36
CA ILE H 107 -8.53 8.89 17.43
C ILE H 107 -9.81 8.06 17.53
N LYS H 108 -9.64 6.79 17.89
CA LYS H 108 -10.73 5.82 17.95
C LYS H 108 -11.20 5.67 19.40
N ARG H 109 -12.51 5.74 19.59
CA ARG H 109 -13.09 5.56 20.92
C ARG H 109 -14.45 4.87 20.79
N THR H 110 -15.11 4.64 21.92
CA THR H 110 -16.41 4.03 21.93
C THR H 110 -17.49 5.02 21.48
N VAL H 111 -18.63 4.47 21.06
CA VAL H 111 -19.73 5.28 20.56
C VAL H 111 -20.45 5.95 21.73
N ALA H 112 -20.75 7.24 21.58
CA ALA H 112 -21.32 8.05 22.63
C ALA H 112 -22.61 8.72 22.15
N ALA H 113 -23.54 8.95 23.09
CA ALA H 113 -24.85 9.51 22.75
C ALA H 113 -24.75 11.01 22.48
N PRO H 114 -25.38 11.53 21.43
CA PRO H 114 -25.22 12.95 21.08
C PRO H 114 -25.74 13.94 22.12
N SER H 115 -26.83 13.63 22.82
CA SER H 115 -27.47 14.56 23.76
C SER H 115 -27.88 15.86 23.05
N VAL H 116 -28.88 15.71 22.18
CA VAL H 116 -29.33 16.81 21.32
C VAL H 116 -29.99 17.92 22.16
N PHE H 117 -30.01 19.13 21.57
CA PHE H 117 -30.68 20.29 22.16
C PHE H 117 -31.22 21.16 21.02
N ILE H 118 -32.13 22.08 21.38
CA ILE H 118 -32.72 23.00 20.41
C ILE H 118 -33.14 24.27 21.14
N PHE H 119 -32.87 25.43 20.54
CA PHE H 119 -33.03 26.72 21.21
C PHE H 119 -33.71 27.73 20.30
N PRO H 120 -34.46 28.68 20.89
CA PRO H 120 -35.13 29.71 20.10
C PRO H 120 -34.31 31.00 20.03
N PRO H 121 -34.74 32.00 19.22
CA PRO H 121 -34.01 33.28 19.16
C PRO H 121 -33.93 34.06 20.47
N SER H 122 -33.31 35.25 20.41
CA SER H 122 -32.81 35.93 21.59
C SER H 122 -33.25 37.39 21.66
N ASP H 123 -34.53 37.66 21.47
CA ASP H 123 -35.16 38.92 21.85
C ASP H 123 -34.60 40.11 21.06
N SER H 124 -33.46 39.93 20.41
CA SER H 124 -32.92 40.92 19.48
C SER H 124 -33.05 40.45 18.04
N GLN H 125 -32.86 39.15 17.79
CA GLN H 125 -33.28 38.55 16.53
C GLN H 125 -34.76 38.83 16.27
N LEU H 126 -35.58 38.77 17.31
CA LEU H 126 -36.98 39.16 17.17
C LEU H 126 -37.13 40.66 16.90
N LYS H 127 -36.16 41.46 17.35
CA LYS H 127 -36.18 42.91 17.12
C LYS H 127 -35.17 43.35 16.06
N SER H 128 -34.56 42.41 15.34
CA SER H 128 -33.65 42.74 14.25
C SER H 128 -34.14 42.29 12.87
N GLY H 129 -35.13 41.40 12.81
CA GLY H 129 -35.68 40.96 11.54
C GLY H 129 -35.17 39.63 11.03
N THR H 130 -34.38 38.90 11.82
CA THR H 130 -33.85 37.61 11.40
C THR H 130 -34.09 36.58 12.50
N ALA H 131 -34.27 35.33 12.09
CA ALA H 131 -34.51 34.22 13.02
C ALA H 131 -33.34 33.26 12.96
N SER H 132 -32.84 32.86 14.13
CA SER H 132 -31.72 31.92 14.25
C SER H 132 -32.15 30.82 15.21
N VAL H 133 -32.51 29.66 14.67
CA VAL H 133 -32.94 28.52 15.48
C VAL H 133 -31.80 27.51 15.51
N VAL H 134 -31.38 27.15 16.71
CA VAL H 134 -30.18 26.34 16.90
C VAL H 134 -30.56 24.90 17.16
N CYS H 135 -29.59 24.00 16.95
CA CYS H 135 -29.70 22.60 17.35
C CYS H 135 -28.29 22.10 17.64
N LEU H 136 -28.03 21.73 18.89
CA LEU H 136 -26.69 21.41 19.35
C LEU H 136 -26.56 19.93 19.65
N LEU H 137 -25.54 19.31 19.09
CA LEU H 137 -25.11 17.96 19.46
C LEU H 137 -23.82 18.08 20.27
N ASN H 138 -23.79 17.44 21.44
CA ASN H 138 -22.74 17.71 22.42
C ASN H 138 -22.04 16.42 22.82
N ASN H 139 -20.74 16.35 22.54
CA ASN H 139 -19.87 15.26 22.99
C ASN H 139 -20.38 13.90 22.51
N PHE H 140 -20.34 13.73 21.18
CA PHE H 140 -20.77 12.50 20.53
C PHE H 140 -19.65 11.92 19.69
N TYR H 141 -19.80 10.63 19.36
CA TYR H 141 -18.85 9.88 18.55
C TYR H 141 -19.61 8.68 17.99
N PRO H 142 -19.41 8.31 16.71
CA PRO H 142 -18.47 8.88 15.74
C PRO H 142 -18.95 10.19 15.14
N ARG H 143 -18.18 10.75 14.20
CA ARG H 143 -18.53 12.02 13.58
C ARG H 143 -19.78 11.90 12.71
N GLU H 144 -20.07 10.72 12.19
CA GLU H 144 -21.23 10.53 11.32
C GLU H 144 -22.51 10.91 12.06
N ALA H 145 -23.22 11.89 11.52
CA ALA H 145 -24.45 12.38 12.13
C ALA H 145 -25.24 13.13 11.07
N LYS H 146 -26.56 12.91 11.05
CA LYS H 146 -27.45 13.54 10.09
C LYS H 146 -28.50 14.34 10.86
N VAL H 147 -28.56 15.63 10.61
CA VAL H 147 -29.53 16.51 11.26
C VAL H 147 -30.60 16.86 10.24
N GLN H 148 -31.80 17.16 10.75
CA GLN H 148 -32.93 17.44 9.87
C GLN H 148 -33.82 18.52 10.49
N TRP H 149 -34.12 19.55 9.72
CA TRP H 149 -35.04 20.60 10.12
C TRP H 149 -36.40 20.37 9.47
N LYS H 150 -37.46 20.73 10.18
CA LYS H 150 -38.83 20.47 9.71
C LYS H 150 -39.69 21.70 9.93
N VAL H 151 -40.29 22.23 8.87
CA VAL H 151 -41.27 23.31 8.99
C VAL H 151 -42.63 22.63 9.09
N ASP H 152 -42.90 22.10 10.28
CA ASP H 152 -44.20 21.59 10.74
C ASP H 152 -44.67 20.36 9.98
N ASN H 153 -44.18 20.15 8.76
CA ASN H 153 -44.24 18.84 8.12
C ASN H 153 -43.05 18.67 7.17
N ALA H 154 -42.41 19.78 6.80
CA ALA H 154 -41.59 19.87 5.61
C ALA H 154 -40.13 20.01 5.97
N LEU H 155 -39.29 19.19 5.33
CA LEU H 155 -37.85 19.20 5.58
C LEU H 155 -37.24 20.43 4.94
N GLN H 156 -36.67 21.31 5.77
CA GLN H 156 -36.02 22.51 5.26
C GLN H 156 -34.79 22.13 4.44
N SER H 157 -34.63 22.76 3.28
CA SER H 157 -33.51 22.47 2.38
C SER H 157 -32.98 23.79 1.83
N GLY H 158 -31.69 24.03 2.03
CA GLY H 158 -31.07 25.25 1.53
C GLY H 158 -31.16 26.44 2.45
N ASN H 159 -31.41 26.23 3.75
CA ASN H 159 -31.57 27.35 4.67
C ASN H 159 -30.87 27.13 6.01
N SER H 160 -29.94 26.18 6.09
CA SER H 160 -29.28 25.87 7.36
C SER H 160 -27.78 25.70 7.13
N GLN H 161 -27.01 26.03 8.16
CA GLN H 161 -25.57 25.84 8.16
C GLN H 161 -25.14 25.21 9.49
N GLU H 162 -24.26 24.22 9.41
CA GLU H 162 -23.76 23.52 10.59
C GLU H 162 -22.25 23.42 10.53
N SER H 163 -21.62 23.44 11.71
CA SER H 163 -20.18 23.31 11.84
C SER H 163 -19.86 22.32 12.94
N VAL H 164 -18.77 21.58 12.74
CA VAL H 164 -18.35 20.55 13.69
C VAL H 164 -16.99 20.94 14.27
N THR H 165 -16.79 20.58 15.54
CA THR H 165 -15.53 20.83 16.21
C THR H 165 -14.56 19.68 15.94
N GLU H 166 -13.34 19.81 16.45
CA GLU H 166 -12.38 18.73 16.42
C GLU H 166 -12.60 17.80 17.62
N GLN H 167 -11.84 16.71 17.65
CA GLN H 167 -11.93 15.78 18.76
C GLN H 167 -11.45 16.45 20.04
N ASP H 168 -12.30 16.49 21.05
CA ASP H 168 -11.94 17.09 22.33
C ASP H 168 -10.79 16.32 22.96
N SER H 169 -9.79 17.04 23.46
CA SER H 169 -8.63 16.38 24.06
C SER H 169 -8.86 16.09 25.54
N LYS H 170 -10.05 15.58 25.83
CA LYS H 170 -10.33 14.86 27.07
C LYS H 170 -11.18 13.62 26.87
N ASP H 171 -11.96 13.54 25.79
CA ASP H 171 -12.85 12.42 25.55
C ASP H 171 -12.89 11.97 24.10
N SER H 172 -12.17 12.64 23.20
CA SER H 172 -12.13 12.31 21.77
C SER H 172 -13.53 12.30 21.16
N THR H 173 -14.35 13.28 21.54
CA THR H 173 -15.70 13.43 21.01
C THR H 173 -15.79 14.71 20.18
N TYR H 174 -16.92 14.85 19.50
CA TYR H 174 -17.18 16.00 18.64
C TYR H 174 -18.31 16.85 19.21
N SER H 175 -18.66 17.90 18.47
CA SER H 175 -19.81 18.73 18.78
C SER H 175 -20.29 19.39 17.51
N LEU H 176 -21.61 19.46 17.33
CA LEU H 176 -22.21 19.99 16.12
C LEU H 176 -23.20 21.07 16.49
N SER H 177 -23.25 22.12 15.65
CA SER H 177 -24.16 23.24 15.88
C SER H 177 -24.76 23.63 14.53
N SER H 178 -25.98 23.17 14.27
CA SER H 178 -26.72 23.54 13.07
C SER H 178 -27.52 24.80 13.33
N THR H 179 -27.58 25.69 12.34
CA THR H 179 -28.25 26.98 12.49
C THR H 179 -29.12 27.21 11.26
N LEU H 180 -30.43 27.11 11.43
CA LEU H 180 -31.39 27.44 10.37
C LEU H 180 -31.72 28.94 10.44
N THR H 181 -31.72 29.58 9.29
CA THR H 181 -31.97 31.02 9.19
C THR H 181 -33.21 31.26 8.35
N LEU H 182 -34.13 32.06 8.88
CA LEU H 182 -35.33 32.46 8.17
C LEU H 182 -35.67 33.90 8.54
N SER H 183 -36.40 34.55 7.64
CA SER H 183 -36.88 35.90 7.92
C SER H 183 -37.93 35.86 9.02
N LYS H 184 -38.15 37.01 9.65
CA LYS H 184 -39.15 37.10 10.72
C LYS H 184 -40.53 36.76 10.20
N ALA H 185 -40.87 37.25 9.00
CA ALA H 185 -42.19 36.98 8.43
C ALA H 185 -42.39 35.48 8.23
N ASP H 186 -41.36 34.79 7.72
CA ASP H 186 -41.46 33.33 7.57
C ASP H 186 -41.55 32.65 8.93
N TYR H 187 -40.78 33.11 9.91
CA TYR H 187 -40.77 32.47 11.23
C TYR H 187 -42.02 32.80 12.04
N GLU H 188 -42.49 34.05 11.96
CA GLU H 188 -43.60 34.47 12.80
C GLU H 188 -44.91 33.78 12.45
N LYS H 189 -45.02 33.22 11.25
CA LYS H 189 -46.28 32.64 10.77
C LYS H 189 -46.24 31.12 10.72
N HIS H 190 -45.63 30.47 11.72
CA HIS H 190 -45.55 29.01 11.70
C HIS H 190 -45.51 28.47 13.12
N LYS H 191 -45.84 27.18 13.23
CA LYS H 191 -45.86 26.49 14.51
C LYS H 191 -45.14 25.16 14.38
N VAL H 192 -44.61 24.68 15.50
CA VAL H 192 -43.86 23.42 15.58
C VAL H 192 -42.60 23.55 14.74
N TYR H 193 -41.47 23.71 15.41
CA TYR H 193 -40.15 23.54 14.82
C TYR H 193 -39.40 22.46 15.59
N ALA H 194 -38.57 21.72 14.88
CA ALA H 194 -37.84 20.61 15.49
C ALA H 194 -36.58 20.32 14.69
N CYS H 195 -35.61 19.69 15.36
CA CYS H 195 -34.45 19.15 14.68
C CYS H 195 -34.34 17.67 15.01
N GLU H 196 -34.09 16.86 13.98
CA GLU H 196 -34.07 15.41 14.08
C GLU H 196 -32.66 14.91 13.84
N VAL H 197 -32.27 13.88 14.58
CA VAL H 197 -30.93 13.30 14.46
C VAL H 197 -31.07 11.81 14.17
N THR H 198 -30.06 11.26 13.50
CA THR H 198 -30.01 9.85 13.13
C THR H 198 -28.65 9.26 13.44
N HIS H 199 -28.10 9.61 14.60
CA HIS H 199 -26.79 9.10 14.99
C HIS H 199 -26.85 7.60 15.25
N GLN H 200 -25.79 6.90 14.84
CA GLN H 200 -25.74 5.45 15.00
C GLN H 200 -25.70 5.03 16.45
N GLY H 201 -25.35 5.92 17.37
CA GLY H 201 -25.25 5.59 18.78
C GLY H 201 -26.58 5.49 19.51
N LEU H 202 -27.67 5.96 18.90
CA LEU H 202 -28.99 5.90 19.49
C LEU H 202 -29.84 4.91 18.72
N SER H 203 -30.54 4.03 19.44
CA SER H 203 -31.35 3.00 18.79
C SER H 203 -32.46 3.64 17.96
N SER H 204 -33.17 4.60 18.53
CA SER H 204 -34.23 5.30 17.82
C SER H 204 -33.88 6.77 17.68
N PRO H 205 -34.22 7.40 16.54
CA PRO H 205 -33.92 8.82 16.37
C PRO H 205 -34.61 9.67 17.43
N VAL H 206 -33.90 10.70 17.89
CA VAL H 206 -34.39 11.60 18.92
C VAL H 206 -34.76 12.93 18.27
N THR H 207 -35.98 13.38 18.53
CA THR H 207 -36.48 14.64 18.01
C THR H 207 -36.68 15.61 19.17
N LYS H 208 -36.08 16.79 19.06
CA LYS H 208 -36.20 17.84 20.07
C LYS H 208 -36.95 19.01 19.45
N SER H 209 -37.99 19.48 20.13
CA SER H 209 -38.88 20.46 19.55
C SER H 209 -39.42 21.42 20.62
N PHE H 210 -39.87 22.57 20.15
CA PHE H 210 -40.60 23.53 20.96
C PHE H 210 -41.62 24.21 20.04
N ASN H 211 -42.90 24.17 20.43
CA ASN H 211 -43.97 24.72 19.60
C ASN H 211 -43.66 26.16 19.21
N ARG H 212 -43.50 27.02 20.20
CA ARG H 212 -42.97 28.37 20.05
C ARG H 212 -42.20 28.68 21.33
N GLY H 213 -42.04 29.95 21.66
CA GLY H 213 -41.33 30.38 22.85
C GLY H 213 -41.64 29.54 24.07
N GLU H 214 -42.92 29.53 24.47
CA GLU H 214 -43.46 28.57 25.44
C GLU H 214 -42.59 28.50 26.70
N CYS H 215 -42.13 29.66 27.15
CA CYS H 215 -41.27 29.75 28.32
C CYS H 215 -42.09 30.04 29.58
K K I . 13.88 -4.64 -16.97
K K J . 12.44 -7.52 -16.25
K K K . 15.00 26.63 -24.67
K K L . 14.53 26.32 -21.48
#